data_5SNF
#
_entry.id   5SNF
#
_cell.length_a   138.071
_cell.length_b   65.515
_cell.length_c   84.326
_cell.angle_alpha   90.000
_cell.angle_beta   93.200
_cell.angle_gamma   90.000
#
_symmetry.space_group_name_H-M   'C 1 2 1'
#
loop_
_entity.id
_entity.type
_entity.pdbx_description
1 polymer '3-oxoacyl-[acyl-carrier-protein] synthase 2'
2 non-polymer N-[4-(2-amino-2-oxoethyl)phenyl]acetamide
3 non-polymer 'DIMETHYL SULFOXIDE'
4 non-polymer 'PHOSPHATE ION'
5 water water
#
_entity_poly.entity_id   1
_entity_poly.type   'polypeptide(L)'
_entity_poly.pdbx_seq_one_letter_code
;MSRRRVVITGMGMLSPLGLDVPSSWEGILAGRSGIAPIEHMDLSAYSTRFGGSVKGFNVEEYLSAKEARKLDLFIQYGLA
ASFQAVRDSGLEVTDANRERIGVSMGSGIGGLTNIENNCRSLFEQGPRRISPFFVPGSIINMVSGFLSIHLGLQGPNYAL
TTAQTTGTHSIGMAARNIAYGEADVMVAGGSEMAACGLGLGGFGAARALSTRNDEPTRASRPWDRDRDGFVLSDGSGALV
LEELEHARARGARIYAELVGFGMSGDAFHMTAPPEDGAGAARCMKNALRDAGLDPRQVDYINAHGTSTPAGDIAEIAAVK
SVFGEHAHALSMSSTKSMTGHLLGAAGAVEAIFSVLALRDQVAPPTINLDNPDEGCDLDLVAHEAKPRKIDVALSNSFGF
GGTNGTLVFRRFAD
;
_entity_poly.pdbx_strand_id   A,B
#
loop_
_chem_comp.id
_chem_comp.type
_chem_comp.name
_chem_comp.formula
DMS non-polymer 'DIMETHYL SULFOXIDE' 'C2 H6 O S'
PO4 non-polymer 'PHOSPHATE ION' 'O4 P -3'
UQM non-polymer N-[4-(2-amino-2-oxoethyl)phenyl]acetamide 'C10 H12 N2 O2'
#
# COMPACT_ATOMS: atom_id res chain seq x y z
N SER A 2 -20.65 16.11 4.44
CA SER A 2 -21.29 15.36 3.32
C SER A 2 -20.44 15.44 2.05
N ARG A 3 -20.60 14.47 1.15
CA ARG A 3 -19.58 14.13 0.11
C ARG A 3 -19.29 15.32 -0.80
N ARG A 4 -18.02 15.73 -0.89
CA ARG A 4 -17.60 16.88 -1.74
C ARG A 4 -17.17 16.35 -3.10
N ARG A 5 -17.18 17.21 -4.10
CA ARG A 5 -16.79 16.85 -5.49
C ARG A 5 -15.28 17.01 -5.64
N VAL A 6 -14.69 16.25 -6.57
CA VAL A 6 -13.22 16.16 -6.73
C VAL A 6 -12.87 16.38 -8.20
N VAL A 7 -11.93 17.30 -8.45
CA VAL A 7 -11.50 17.64 -9.83
C VAL A 7 -10.00 17.42 -9.97
N ILE A 8 -9.55 17.28 -11.22
CA ILE A 8 -8.13 17.10 -11.58
C ILE A 8 -7.61 18.47 -12.00
N THR A 9 -6.58 18.98 -11.31
CA THR A 9 -6.03 20.34 -11.59
C THR A 9 -4.60 20.24 -12.11
N GLY A 10 -3.97 19.07 -12.03
CA GLY A 10 -2.54 18.87 -12.37
C GLY A 10 -2.25 17.43 -12.72
N MET A 11 -1.36 17.20 -13.69
CA MET A 11 -0.96 15.82 -14.06
C MET A 11 0.53 15.82 -14.40
N GLY A 12 1.19 14.68 -14.16
CA GLY A 12 2.61 14.49 -14.42
C GLY A 12 2.90 13.06 -14.76
N MET A 13 3.96 12.81 -15.52
CA MET A 13 4.19 11.48 -16.12
C MET A 13 5.62 11.32 -16.63
N LEU A 14 6.22 10.17 -16.31
CA LEU A 14 7.25 9.45 -17.10
C LEU A 14 6.64 8.17 -17.66
N SER A 15 6.82 7.96 -18.95
CA SER A 15 6.34 6.76 -19.67
C SER A 15 7.38 6.39 -20.71
N PRO A 16 7.25 5.19 -21.31
CA PRO A 16 8.10 4.82 -22.43
C PRO A 16 7.94 5.74 -23.66
N LEU A 17 6.94 6.62 -23.69
CA LEU A 17 6.68 7.51 -24.85
C LEU A 17 7.21 8.92 -24.62
N GLY A 18 7.59 9.30 -23.40
CA GLY A 18 8.08 10.67 -23.13
C GLY A 18 8.34 10.94 -21.64
N LEU A 19 9.02 12.05 -21.37
CA LEU A 19 9.49 12.48 -20.03
C LEU A 19 8.49 13.45 -19.39
N ASP A 20 7.32 13.62 -20.02
CA ASP A 20 6.17 14.37 -19.43
C ASP A 20 4.85 13.88 -20.05
N VAL A 21 3.74 14.53 -19.71
CA VAL A 21 2.38 14.23 -20.22
C VAL A 21 2.25 14.61 -21.70
N PRO A 22 2.57 15.87 -22.13
CA PRO A 22 2.30 16.28 -23.51
C PRO A 22 3.04 15.41 -24.54
N SER A 23 4.31 15.09 -24.25
CA SER A 23 5.17 14.27 -25.14
C SER A 23 4.64 12.84 -25.17
N SER A 24 4.25 12.30 -24.00
CA SER A 24 3.63 10.95 -23.92
C SER A 24 2.32 10.96 -24.72
N TRP A 25 1.46 11.96 -24.51
CA TRP A 25 0.12 12.06 -25.16
C TRP A 25 0.25 12.15 -26.71
N GLU A 26 1.23 12.93 -27.18
N GLU A 26 1.22 12.93 -27.19
CA GLU A 26 1.56 13.06 -28.62
CA GLU A 26 1.54 13.05 -28.63
C GLU A 26 1.83 11.65 -29.19
C GLU A 26 1.83 11.65 -29.20
N GLY A 27 2.61 10.84 -28.46
CA GLY A 27 2.93 9.46 -28.86
C GLY A 27 1.67 8.61 -28.95
N ILE A 28 0.82 8.73 -27.93
CA ILE A 28 -0.49 8.00 -27.83
C ILE A 28 -1.34 8.30 -29.06
N LEU A 29 -1.54 9.57 -29.39
CA LEU A 29 -2.47 9.98 -30.48
C LEU A 29 -1.86 9.60 -31.84
N ALA A 30 -0.54 9.42 -31.89
CA ALA A 30 0.21 9.09 -33.12
C ALA A 30 0.43 7.58 -33.25
N GLY A 31 -0.05 6.77 -32.30
CA GLY A 31 0.06 5.31 -32.37
C GLY A 31 1.52 4.85 -32.30
N ARG A 32 2.39 5.63 -31.68
CA ARG A 32 3.83 5.30 -31.54
C ARG A 32 3.99 4.27 -30.42
N SER A 33 4.82 3.24 -30.62
CA SER A 33 5.27 2.25 -29.60
C SER A 33 6.48 2.79 -28.85
N GLY A 34 6.48 2.62 -27.53
CA GLY A 34 7.61 2.93 -26.62
C GLY A 34 8.37 1.68 -26.25
N ILE A 35 8.17 0.58 -26.97
CA ILE A 35 8.76 -0.74 -26.61
C ILE A 35 10.01 -0.97 -27.48
N ALA A 36 11.08 -1.41 -26.84
CA ALA A 36 12.41 -1.59 -27.47
C ALA A 36 13.20 -2.60 -26.66
N PRO A 37 14.19 -3.28 -27.30
CA PRO A 37 15.09 -4.15 -26.55
C PRO A 37 15.63 -3.34 -25.38
N ILE A 38 15.75 -3.95 -24.21
CA ILE A 38 16.31 -3.31 -23.01
C ILE A 38 17.85 -3.21 -23.16
N GLU A 39 18.43 -2.05 -22.83
CA GLU A 39 19.88 -1.76 -23.01
C GLU A 39 20.61 -1.70 -21.66
N HIS A 40 19.90 -1.57 -20.53
CA HIS A 40 20.48 -1.19 -19.22
C HIS A 40 21.01 -2.41 -18.48
N MET A 41 21.05 -3.58 -19.15
CA MET A 41 21.48 -4.87 -18.56
C MET A 41 21.37 -5.96 -19.64
N ASP A 42 22.21 -6.98 -19.56
CA ASP A 42 22.34 -8.13 -20.50
C ASP A 42 21.22 -9.16 -20.22
N LEU A 43 20.27 -9.31 -21.16
CA LEU A 43 19.12 -10.25 -20.96
C LEU A 43 19.27 -11.50 -21.84
N SER A 44 20.48 -11.83 -22.36
CA SER A 44 20.64 -12.96 -23.31
C SER A 44 20.13 -14.27 -22.68
N ALA A 45 20.26 -14.47 -21.36
CA ALA A 45 19.78 -15.68 -20.65
C ALA A 45 18.25 -15.66 -20.41
N TYR A 46 17.55 -14.57 -20.75
CA TYR A 46 16.11 -14.37 -20.43
C TYR A 46 15.27 -14.70 -21.68
N SER A 47 14.03 -15.19 -21.48
CA SER A 47 13.09 -15.48 -22.59
C SER A 47 12.44 -14.19 -23.12
N THR A 48 12.50 -13.09 -22.36
CA THR A 48 12.03 -11.73 -22.80
C THR A 48 13.16 -10.72 -22.61
N ARG A 49 13.50 -9.97 -23.67
CA ARG A 49 14.71 -9.12 -23.69
C ARG A 49 14.35 -7.67 -24.04
N PHE A 50 13.05 -7.33 -24.01
CA PHE A 50 12.52 -5.97 -24.33
C PHE A 50 11.47 -5.55 -23.29
N GLY A 51 11.09 -4.27 -23.35
CA GLY A 51 10.10 -3.62 -22.49
C GLY A 51 9.96 -2.14 -22.81
N GLY A 52 9.05 -1.44 -22.12
CA GLY A 52 8.94 0.02 -22.18
C GLY A 52 9.79 0.67 -21.11
N SER A 53 10.99 1.10 -21.48
CA SER A 53 11.94 1.83 -20.59
C SER A 53 11.60 3.32 -20.69
N VAL A 54 11.88 4.06 -19.64
CA VAL A 54 11.92 5.55 -19.70
C VAL A 54 13.24 5.91 -20.38
N LYS A 55 13.24 6.66 -21.47
CA LYS A 55 14.47 7.00 -22.23
C LYS A 55 14.92 8.42 -21.85
N GLY A 56 16.18 8.59 -21.45
CA GLY A 56 16.81 9.91 -21.24
C GLY A 56 16.29 10.63 -19.99
N PHE A 57 15.81 9.89 -18.99
CA PHE A 57 15.34 10.48 -17.72
C PHE A 57 16.50 11.23 -17.08
N ASN A 58 16.30 12.50 -16.76
CA ASN A 58 17.30 13.33 -16.04
C ASN A 58 16.78 13.65 -14.64
N VAL A 59 17.19 12.88 -13.64
CA VAL A 59 16.72 13.07 -12.25
C VAL A 59 17.13 14.47 -11.75
N GLU A 60 18.17 15.08 -12.34
CA GLU A 60 18.70 16.42 -11.94
C GLU A 60 17.87 17.56 -12.52
N GLU A 61 16.74 17.25 -13.16
CA GLU A 61 15.63 18.22 -13.35
C GLU A 61 14.82 18.35 -12.05
N TYR A 62 15.01 17.49 -11.04
CA TYR A 62 14.11 17.35 -9.87
C TYR A 62 14.88 17.33 -8.55
N LEU A 63 16.02 16.64 -8.53
CA LEU A 63 16.74 16.30 -7.28
C LEU A 63 18.24 16.45 -7.53
N SER A 64 19.01 16.68 -6.46
CA SER A 64 20.49 16.63 -6.49
C SER A 64 20.93 15.20 -6.87
N ALA A 65 21.99 15.05 -7.66
CA ALA A 65 22.60 13.72 -7.92
C ALA A 65 22.83 13.01 -6.58
N LYS A 66 23.21 13.74 -5.52
CA LYS A 66 23.56 13.16 -4.20
C LYS A 66 22.34 12.44 -3.58
N GLU A 67 21.16 13.07 -3.64
N GLU A 67 21.16 13.07 -3.64
CA GLU A 67 19.89 12.50 -3.12
CA GLU A 67 19.90 12.48 -3.13
C GLU A 67 19.45 11.34 -4.03
C GLU A 67 19.50 11.31 -4.03
N ALA A 68 19.50 11.52 -5.35
CA ALA A 68 19.06 10.53 -6.34
C ALA A 68 19.79 9.19 -6.17
N ARG A 69 21.09 9.25 -5.85
CA ARG A 69 21.95 8.05 -5.69
C ARG A 69 21.41 7.19 -4.53
N LYS A 70 20.67 7.76 -3.58
CA LYS A 70 20.12 7.00 -2.42
C LYS A 70 18.76 6.36 -2.72
N LEU A 71 18.15 6.64 -3.88
CA LEU A 71 16.72 6.30 -4.18
C LEU A 71 16.64 5.35 -5.36
N ASP A 72 15.83 4.29 -5.25
CA ASP A 72 15.49 3.40 -6.38
C ASP A 72 14.88 4.24 -7.51
N LEU A 73 15.05 3.81 -8.76
CA LEU A 73 14.44 4.50 -9.92
C LEU A 73 12.92 4.70 -9.72
N PHE A 74 12.21 3.77 -9.09
CA PHE A 74 10.72 3.88 -8.97
C PHE A 74 10.39 5.10 -8.09
N ILE A 75 11.19 5.36 -7.04
CA ILE A 75 11.00 6.58 -6.22
C ILE A 75 11.38 7.79 -7.08
N GLN A 76 12.50 7.77 -7.79
CA GLN A 76 12.87 8.92 -8.66
C GLN A 76 11.72 9.19 -9.64
N TYR A 77 11.16 8.14 -10.23
CA TYR A 77 10.10 8.26 -11.26
C TYR A 77 8.82 8.84 -10.62
N GLY A 78 8.48 8.36 -9.42
CA GLY A 78 7.33 8.83 -8.63
C GLY A 78 7.43 10.30 -8.25
N LEU A 79 8.62 10.72 -7.76
CA LEU A 79 8.92 12.13 -7.43
C LEU A 79 8.83 12.99 -8.70
N ALA A 80 9.40 12.55 -9.83
CA ALA A 80 9.42 13.34 -11.08
C ALA A 80 7.95 13.60 -11.48
N ALA A 81 7.13 12.57 -11.54
CA ALA A 81 5.71 12.71 -11.95
C ALA A 81 4.95 13.59 -10.95
N SER A 82 5.19 13.42 -9.63
CA SER A 82 4.56 14.22 -8.54
C SER A 82 4.93 15.70 -8.70
N PHE A 83 6.21 16.02 -8.85
CA PHE A 83 6.67 17.41 -9.03
C PHE A 83 6.02 17.98 -10.29
N GLN A 84 5.96 17.22 -11.39
CA GLN A 84 5.32 17.73 -12.63
C GLN A 84 3.86 18.11 -12.33
N ALA A 85 3.14 17.20 -11.67
CA ALA A 85 1.69 17.34 -11.43
C ALA A 85 1.45 18.58 -10.57
N VAL A 86 2.25 18.76 -9.54
CA VAL A 86 2.08 19.91 -8.59
C VAL A 86 2.34 21.24 -9.32
N ARG A 87 3.41 21.31 -10.11
N ARG A 87 3.41 21.31 -10.11
CA ARG A 87 3.73 22.51 -10.94
CA ARG A 87 3.72 22.51 -10.93
C ARG A 87 2.56 22.78 -11.90
C ARG A 87 2.58 22.78 -11.92
N ASP A 88 2.11 21.74 -12.62
CA ASP A 88 0.99 21.84 -13.59
C ASP A 88 -0.29 22.31 -12.88
N SER A 89 -0.50 22.00 -11.61
CA SER A 89 -1.69 22.43 -10.84
C SER A 89 -1.69 23.94 -10.57
N GLY A 90 -0.53 24.61 -10.55
CA GLY A 90 -0.40 26.03 -10.11
C GLY A 90 -0.56 26.19 -8.60
N LEU A 91 -0.76 25.12 -7.85
CA LEU A 91 -1.03 25.22 -6.39
C LEU A 91 0.25 25.69 -5.68
N GLU A 92 0.10 26.62 -4.73
CA GLU A 92 1.19 27.10 -3.85
C GLU A 92 0.94 26.55 -2.46
N VAL A 93 1.92 25.84 -1.91
CA VAL A 93 1.89 25.29 -0.53
C VAL A 93 2.20 26.42 0.44
N THR A 94 1.39 26.56 1.49
CA THR A 94 1.54 27.62 2.53
C THR A 94 1.33 27.01 3.91
N ASP A 95 1.65 27.75 4.96
CA ASP A 95 1.28 27.35 6.34
C ASP A 95 -0.23 27.19 6.42
N ALA A 96 -0.97 27.93 5.59
CA ALA A 96 -2.45 28.00 5.66
C ALA A 96 -3.07 26.68 5.14
N ASN A 97 -2.39 25.97 4.23
CA ASN A 97 -2.99 24.81 3.52
C ASN A 97 -2.12 23.54 3.61
N ARG A 98 -0.91 23.58 4.17
CA ARG A 98 0.01 22.43 4.12
C ARG A 98 -0.62 21.22 4.84
N GLU A 99 -1.46 21.44 5.86
CA GLU A 99 -2.05 20.31 6.63
C GLU A 99 -3.16 19.66 5.81
N ARG A 100 -3.63 20.34 4.76
CA ARG A 100 -4.81 19.92 3.97
C ARG A 100 -4.36 19.32 2.62
N ILE A 101 -3.06 19.15 2.43
CA ILE A 101 -2.48 18.53 1.19
C ILE A 101 -1.73 17.27 1.60
N GLY A 102 -2.15 16.14 1.04
CA GLY A 102 -1.53 14.83 1.31
C GLY A 102 -1.03 14.19 0.03
N VAL A 103 -0.52 12.96 0.14
CA VAL A 103 0.03 12.24 -1.04
C VAL A 103 -0.25 10.75 -0.85
N SER A 104 -0.68 10.11 -1.95
CA SER A 104 -0.90 8.64 -2.04
C SER A 104 -0.30 8.20 -3.37
N MET A 105 1.01 7.95 -3.37
CA MET A 105 1.73 7.43 -4.55
C MET A 105 2.15 5.99 -4.23
N GLY A 106 1.72 5.07 -5.09
CA GLY A 106 1.84 3.63 -4.85
C GLY A 106 2.82 2.98 -5.80
N SER A 107 3.13 1.72 -5.54
CA SER A 107 3.89 0.83 -6.45
C SER A 107 3.45 -0.63 -6.25
N GLY A 108 3.52 -1.43 -7.31
CA GLY A 108 3.26 -2.88 -7.25
C GLY A 108 4.34 -3.60 -6.48
N ILE A 109 5.59 -3.29 -6.80
CA ILE A 109 6.79 -4.10 -6.42
C ILE A 109 7.78 -3.23 -5.64
N GLY A 110 7.87 -1.94 -5.96
CA GLY A 110 8.79 -1.00 -5.31
C GLY A 110 10.23 -1.26 -5.74
N GLY A 111 11.18 -1.18 -4.82
CA GLY A 111 12.60 -0.99 -5.17
C GLY A 111 13.32 -2.30 -5.43
N LEU A 112 12.83 -3.11 -6.36
CA LEU A 112 13.33 -4.49 -6.59
C LEU A 112 14.79 -4.41 -7.04
N THR A 113 15.12 -3.47 -7.95
CA THR A 113 16.50 -3.27 -8.50
C THR A 113 17.46 -3.03 -7.35
N ASN A 114 17.12 -2.04 -6.54
CA ASN A 114 17.91 -1.66 -5.35
C ASN A 114 18.05 -2.89 -4.44
N ILE A 115 16.98 -3.64 -4.23
CA ILE A 115 17.02 -4.76 -3.25
C ILE A 115 17.88 -5.88 -3.86
N GLU A 116 17.78 -6.08 -5.18
CA GLU A 116 18.59 -7.08 -5.93
C GLU A 116 20.06 -6.71 -5.76
N ASN A 117 20.45 -5.48 -6.12
CA ASN A 117 21.84 -4.95 -6.04
C ASN A 117 22.40 -5.10 -4.63
N ASN A 118 21.63 -4.83 -3.60
CA ASN A 118 22.09 -4.98 -2.20
C ASN A 118 22.16 -6.45 -1.83
N CYS A 119 21.26 -7.28 -2.39
CA CYS A 119 21.33 -8.75 -2.21
C CYS A 119 22.65 -9.27 -2.80
N ARG A 120 23.04 -8.78 -3.97
CA ARG A 120 24.30 -9.15 -4.67
C ARG A 120 25.49 -8.79 -3.78
N SER A 121 25.50 -7.58 -3.19
CA SER A 121 26.55 -7.07 -2.27
C SER A 121 26.65 -7.98 -1.04
N LEU A 122 25.50 -8.35 -0.47
CA LEU A 122 25.42 -9.23 0.72
C LEU A 122 26.05 -10.58 0.41
N PHE A 123 25.76 -11.15 -0.76
CA PHE A 123 26.12 -12.55 -1.10
C PHE A 123 27.58 -12.64 -1.54
N GLU A 124 28.04 -11.65 -2.30
CA GLU A 124 29.38 -11.64 -2.94
C GLU A 124 30.40 -11.06 -1.97
N GLN A 125 29.99 -10.19 -1.04
CA GLN A 125 30.93 -9.34 -0.27
C GLN A 125 30.62 -9.25 1.22
N GLY A 126 29.41 -9.61 1.64
CA GLY A 126 29.06 -9.57 3.07
C GLY A 126 28.13 -8.41 3.41
N PRO A 127 27.53 -8.44 4.61
CA PRO A 127 26.52 -7.47 5.01
C PRO A 127 27.04 -6.04 5.18
N ARG A 128 28.34 -5.87 5.42
CA ARG A 128 28.95 -4.53 5.63
C ARG A 128 28.88 -3.72 4.33
N ARG A 129 28.66 -4.35 3.17
CA ARG A 129 28.53 -3.59 1.90
C ARG A 129 27.08 -3.16 1.65
N ILE A 130 26.08 -3.58 2.46
CA ILE A 130 24.67 -3.12 2.27
C ILE A 130 24.62 -1.60 2.49
N SER A 131 24.00 -0.85 1.56
CA SER A 131 23.81 0.61 1.65
C SER A 131 23.02 0.93 2.91
N PRO A 132 23.43 1.92 3.73
CA PRO A 132 22.58 2.42 4.81
C PRO A 132 21.26 3.05 4.32
N PHE A 133 21.14 3.34 3.02
CA PHE A 133 19.92 3.91 2.36
C PHE A 133 19.01 2.81 1.78
N PHE A 134 19.36 1.53 1.98
CA PHE A 134 18.64 0.34 1.46
C PHE A 134 17.14 0.42 1.77
N VAL A 135 16.77 0.61 3.04
CA VAL A 135 15.34 0.60 3.45
C VAL A 135 14.64 1.87 2.96
N PRO A 136 15.04 3.10 3.39
CA PRO A 136 14.32 4.29 2.95
C PRO A 136 14.42 4.52 1.42
N GLY A 137 15.40 3.92 0.76
CA GLY A 137 15.58 4.11 -0.68
C GLY A 137 14.87 3.05 -1.51
N SER A 138 14.19 2.08 -0.88
CA SER A 138 13.59 0.92 -1.61
C SER A 138 12.11 0.72 -1.25
N ILE A 139 11.64 1.06 -0.05
CA ILE A 139 10.26 0.70 0.39
C ILE A 139 9.22 1.66 -0.22
N ILE A 140 8.01 1.14 -0.41
CA ILE A 140 7.03 1.72 -1.38
C ILE A 140 6.54 3.07 -0.88
N ASN A 141 6.48 3.29 0.44
CA ASN A 141 5.85 4.52 1.01
C ASN A 141 6.74 5.75 0.85
N MET A 142 7.91 5.65 0.20
CA MET A 142 8.92 6.76 0.27
C MET A 142 8.75 7.70 -0.91
N VAL A 143 7.88 7.37 -1.88
CA VAL A 143 7.46 8.41 -2.85
C VAL A 143 6.65 9.43 -2.07
N SER A 144 5.65 8.95 -1.33
CA SER A 144 4.81 9.79 -0.46
C SER A 144 5.69 10.52 0.57
N GLY A 145 6.63 9.82 1.19
CA GLY A 145 7.47 10.40 2.26
C GLY A 145 8.32 11.53 1.73
N PHE A 146 9.11 11.26 0.67
CA PHE A 146 10.09 12.22 0.13
C PHE A 146 9.31 13.39 -0.51
N LEU A 147 8.15 13.14 -1.13
CA LEU A 147 7.39 14.25 -1.76
C LEU A 147 6.95 15.22 -0.66
N SER A 148 6.43 14.67 0.44
N SER A 148 6.41 14.66 0.43
CA SER A 148 5.96 15.45 1.61
CA SER A 148 5.97 15.41 1.64
C SER A 148 7.12 16.28 2.17
C SER A 148 7.12 16.27 2.17
N ILE A 149 8.32 15.69 2.30
CA ILE A 149 9.52 16.35 2.86
C ILE A 149 9.92 17.51 1.93
N HIS A 150 10.06 17.27 0.62
CA HIS A 150 10.44 18.30 -0.38
C HIS A 150 9.43 19.45 -0.47
N LEU A 151 8.12 19.19 -0.42
CA LEU A 151 7.08 20.25 -0.66
C LEU A 151 6.47 20.74 0.66
N GLY A 152 6.66 20.02 1.77
CA GLY A 152 6.10 20.40 3.08
C GLY A 152 4.62 20.03 3.18
N LEU A 153 4.22 18.86 2.68
CA LEU A 153 2.81 18.40 2.67
C LEU A 153 2.56 17.63 3.97
N GLN A 154 1.61 18.07 4.80
CA GLN A 154 1.42 17.50 6.16
C GLN A 154 0.06 16.79 6.24
N GLY A 155 -0.67 16.75 5.12
CA GLY A 155 -1.94 16.00 5.03
C GLY A 155 -1.74 14.49 5.08
N PRO A 156 -2.82 13.70 4.87
CA PRO A 156 -2.71 12.25 4.84
C PRO A 156 -1.59 11.76 3.92
N ASN A 157 -0.73 10.90 4.45
CA ASN A 157 0.51 10.49 3.78
C ASN A 157 0.55 8.96 3.78
N TYR A 158 0.32 8.33 2.64
CA TYR A 158 0.23 6.85 2.59
C TYR A 158 0.55 6.33 1.19
N ALA A 159 0.57 5.01 1.07
CA ALA A 159 0.87 4.33 -0.20
C ALA A 159 0.08 3.02 -0.26
N LEU A 160 -0.51 2.76 -1.43
CA LEU A 160 -1.17 1.47 -1.75
C LEU A 160 -0.18 0.62 -2.52
N THR A 161 -0.30 -0.68 -2.35
CA THR A 161 0.37 -1.68 -3.20
C THR A 161 -0.66 -2.76 -3.48
N THR A 162 -1.31 -2.67 -4.64
CA THR A 162 -2.34 -3.63 -5.07
C THR A 162 -1.97 -4.09 -6.48
N ALA A 163 -0.69 -4.39 -6.66
CA ALA A 163 -0.17 -5.00 -7.90
C ALA A 163 -0.55 -4.10 -9.07
N GLN A 164 -1.12 -4.67 -10.11
CA GLN A 164 -1.42 -3.94 -11.37
C GLN A 164 -2.64 -3.03 -11.20
N THR A 165 -3.26 -2.99 -10.02
CA THR A 165 -4.42 -2.08 -9.76
C THR A 165 -3.96 -0.83 -8.98
N THR A 166 -2.70 -0.78 -8.57
CA THR A 166 -2.17 0.21 -7.59
C THR A 166 -2.54 1.64 -8.00
N GLY A 167 -2.30 2.03 -9.26
CA GLY A 167 -2.51 3.42 -9.72
C GLY A 167 -3.98 3.83 -9.60
N THR A 168 -4.87 2.94 -9.96
CA THR A 168 -6.32 3.21 -9.98
C THR A 168 -6.79 3.36 -8.53
N HIS A 169 -6.47 2.38 -7.69
CA HIS A 169 -6.80 2.40 -6.26
C HIS A 169 -6.26 3.67 -5.59
N SER A 170 -5.00 4.01 -5.86
CA SER A 170 -4.32 5.18 -5.24
C SER A 170 -5.14 6.43 -5.55
N ILE A 171 -5.50 6.61 -6.81
CA ILE A 171 -6.25 7.81 -7.28
C ILE A 171 -7.63 7.80 -6.62
N GLY A 172 -8.36 6.68 -6.69
CA GLY A 172 -9.73 6.54 -6.16
C GLY A 172 -9.84 6.86 -4.68
N MET A 173 -8.95 6.28 -3.87
N MET A 173 -8.95 6.30 -3.87
CA MET A 173 -8.96 6.43 -2.39
CA MET A 173 -8.98 6.46 -2.39
C MET A 173 -8.49 7.85 -1.99
C MET A 173 -8.49 7.85 -1.99
N ALA A 174 -7.58 8.46 -2.76
CA ALA A 174 -7.20 9.88 -2.59
C ALA A 174 -8.44 10.78 -2.82
N ALA A 175 -9.22 10.52 -3.87
CA ALA A 175 -10.51 11.21 -4.14
C ALA A 175 -11.44 11.07 -2.93
N ARG A 176 -11.57 9.87 -2.37
CA ARG A 176 -12.40 9.62 -1.17
C ARG A 176 -11.89 10.49 -0.01
N ASN A 177 -10.59 10.55 0.22
CA ASN A 177 -10.02 11.41 1.30
C ASN A 177 -10.61 12.83 1.15
N ILE A 178 -10.64 13.34 -0.07
CA ILE A 178 -11.09 14.74 -0.33
C ILE A 178 -12.62 14.80 -0.21
N ALA A 179 -13.30 13.86 -0.86
CA ALA A 179 -14.76 13.73 -0.86
C ALA A 179 -15.27 13.79 0.59
N TYR A 180 -14.61 13.12 1.54
CA TYR A 180 -15.04 12.95 2.95
C TYR A 180 -14.46 14.04 3.87
N GLY A 181 -13.64 14.98 3.37
CA GLY A 181 -13.12 16.11 4.17
C GLY A 181 -11.79 15.84 4.86
N GLU A 182 -11.13 14.69 4.63
CA GLU A 182 -9.84 14.34 5.30
C GLU A 182 -8.70 15.19 4.71
N ALA A 183 -8.91 15.77 3.52
CA ALA A 183 -7.93 16.60 2.79
C ALA A 183 -8.67 17.43 1.76
N ASP A 184 -8.09 18.55 1.31
CA ASP A 184 -8.64 19.36 0.20
C ASP A 184 -7.87 19.08 -1.07
N VAL A 185 -6.62 18.61 -0.94
CA VAL A 185 -5.73 18.30 -2.10
C VAL A 185 -4.98 17.00 -1.81
N MET A 186 -4.83 16.16 -2.84
CA MET A 186 -4.04 14.93 -2.76
C MET A 186 -3.22 14.82 -4.04
N VAL A 187 -1.94 14.50 -3.91
CA VAL A 187 -1.11 14.03 -5.06
C VAL A 187 -1.19 12.50 -5.07
N ALA A 188 -1.73 11.92 -6.13
CA ALA A 188 -2.03 10.47 -6.16
C ALA A 188 -1.66 9.88 -7.52
N GLY A 189 -1.24 8.63 -7.50
CA GLY A 189 -0.85 7.86 -8.70
C GLY A 189 0.05 6.74 -8.27
N GLY A 190 0.97 6.37 -9.14
CA GLY A 190 1.91 5.30 -8.80
C GLY A 190 3.11 5.34 -9.71
N SER A 191 4.10 4.52 -9.37
CA SER A 191 5.38 4.45 -10.11
C SER A 191 5.90 3.01 -10.04
N GLU A 192 6.56 2.62 -11.12
CA GLU A 192 7.12 1.27 -11.21
C GLU A 192 8.41 1.28 -12.01
N MET A 193 9.41 0.52 -11.53
N MET A 193 9.39 0.50 -11.54
CA MET A 193 10.62 0.13 -12.30
CA MET A 193 10.63 0.13 -12.25
C MET A 193 10.99 -1.30 -11.87
C MET A 193 10.99 -1.31 -11.86
N ALA A 194 10.32 -2.28 -12.47
CA ALA A 194 10.51 -3.70 -12.14
C ALA A 194 11.45 -4.36 -13.17
N ALA A 195 12.06 -3.60 -14.10
CA ALA A 195 12.95 -4.16 -15.14
C ALA A 195 14.33 -4.39 -14.55
N CYS A 196 14.45 -5.41 -13.72
CA CYS A 196 15.73 -5.98 -13.21
C CYS A 196 15.69 -7.49 -13.48
N GLY A 197 16.74 -8.22 -13.10
CA GLY A 197 16.80 -9.68 -13.25
C GLY A 197 15.61 -10.37 -12.62
N LEU A 198 15.34 -10.09 -11.34
CA LEU A 198 14.24 -10.74 -10.58
C LEU A 198 12.91 -10.39 -11.26
N GLY A 199 12.77 -9.17 -11.79
CA GLY A 199 11.50 -8.72 -12.36
C GLY A 199 11.20 -9.45 -13.66
N LEU A 200 12.10 -9.33 -14.64
CA LEU A 200 11.91 -10.01 -15.94
C LEU A 200 12.01 -11.52 -15.73
N GLY A 201 12.89 -11.96 -14.83
CA GLY A 201 13.06 -13.38 -14.51
C GLY A 201 11.80 -13.94 -13.87
N GLY A 202 11.24 -13.22 -12.89
CA GLY A 202 10.05 -13.68 -12.14
C GLY A 202 8.85 -13.77 -13.06
N PHE A 203 8.54 -12.70 -13.79
CA PHE A 203 7.44 -12.73 -14.79
C PHE A 203 7.77 -13.75 -15.89
N GLY A 204 9.04 -13.86 -16.28
CA GLY A 204 9.50 -14.92 -17.21
C GLY A 204 9.17 -16.32 -16.71
N ALA A 205 9.55 -16.64 -15.47
CA ALA A 205 9.28 -17.95 -14.80
C ALA A 205 7.80 -18.27 -14.83
N ALA A 206 6.92 -17.27 -14.78
CA ALA A 206 5.44 -17.45 -14.76
C ALA A 206 4.92 -17.51 -16.18
N ARG A 207 5.78 -17.28 -17.17
CA ARG A 207 5.43 -17.39 -18.62
C ARG A 207 4.31 -16.39 -18.93
N ALA A 208 4.30 -15.25 -18.23
CA ALA A 208 3.30 -14.15 -18.28
C ALA A 208 3.62 -13.14 -19.39
N LEU A 209 4.91 -13.02 -19.76
CA LEU A 209 5.45 -11.96 -20.67
C LEU A 209 5.38 -12.42 -22.12
N SER A 210 5.18 -11.50 -23.05
CA SER A 210 5.38 -11.74 -24.50
C SER A 210 6.85 -12.09 -24.73
N THR A 211 7.12 -13.03 -25.63
CA THR A 211 8.50 -13.44 -25.99
C THR A 211 8.80 -13.00 -27.43
N ARG A 212 8.06 -12.01 -27.98
CA ARG A 212 8.28 -11.54 -29.37
C ARG A 212 9.56 -10.67 -29.46
N ASN A 213 10.70 -11.22 -29.07
CA ASN A 213 11.99 -10.47 -28.96
C ASN A 213 12.39 -9.88 -30.31
N ASP A 214 11.96 -10.46 -31.43
CA ASP A 214 12.45 -10.06 -32.76
C ASP A 214 11.57 -8.96 -33.35
N GLU A 215 10.49 -8.59 -32.68
CA GLU A 215 9.60 -7.48 -33.13
C GLU A 215 8.94 -6.87 -31.88
N PRO A 216 9.72 -6.23 -30.99
CA PRO A 216 9.18 -5.71 -29.72
C PRO A 216 8.01 -4.72 -29.87
N THR A 217 7.98 -3.91 -30.93
CA THR A 217 6.91 -2.87 -31.08
C THR A 217 5.56 -3.57 -31.38
N ARG A 218 5.58 -4.80 -31.88
CA ARG A 218 4.35 -5.56 -32.24
C ARG A 218 3.95 -6.54 -31.13
N ALA A 219 4.71 -6.62 -30.03
CA ALA A 219 4.53 -7.58 -28.91
C ALA A 219 3.20 -7.37 -28.17
N SER A 220 2.91 -6.14 -27.76
CA SER A 220 1.68 -5.76 -27.01
C SER A 220 0.55 -5.59 -28.00
N ARG A 221 -0.39 -6.52 -28.03
CA ARG A 221 -1.44 -6.57 -29.09
C ARG A 221 -2.72 -7.01 -28.41
N PRO A 222 -3.24 -6.14 -27.52
CA PRO A 222 -4.47 -6.42 -26.81
C PRO A 222 -5.60 -6.83 -27.76
N TRP A 223 -6.25 -7.97 -27.49
CA TRP A 223 -7.45 -8.52 -28.21
C TRP A 223 -7.06 -9.11 -29.58
N ASP A 224 -5.77 -9.07 -29.94
CA ASP A 224 -5.29 -9.66 -31.20
C ASP A 224 -5.15 -11.18 -30.99
N ARG A 225 -5.58 -11.99 -31.95
CA ARG A 225 -5.51 -13.47 -31.82
C ARG A 225 -4.06 -13.96 -31.66
N ASP A 226 -3.02 -13.19 -32.02
CA ASP A 226 -1.62 -13.64 -31.93
C ASP A 226 -0.92 -13.09 -30.67
N ARG A 227 -1.66 -12.60 -29.66
CA ARG A 227 -1.08 -12.04 -28.39
C ARG A 227 -0.48 -13.18 -27.56
N ASP A 228 0.60 -12.94 -26.81
CA ASP A 228 1.34 -14.03 -26.10
C ASP A 228 1.86 -13.52 -24.75
N GLY A 229 1.16 -12.58 -24.12
CA GLY A 229 1.50 -12.05 -22.79
C GLY A 229 1.76 -10.55 -22.80
N PHE A 230 1.95 -9.98 -21.61
CA PHE A 230 2.09 -8.52 -21.45
C PHE A 230 3.55 -8.15 -21.71
N VAL A 231 3.75 -6.87 -21.99
CA VAL A 231 5.08 -6.24 -22.17
C VAL A 231 5.35 -5.43 -20.90
N LEU A 232 6.52 -5.62 -20.28
CA LEU A 232 6.88 -4.98 -18.98
C LEU A 232 7.40 -3.58 -19.27
N SER A 233 6.88 -2.60 -18.55
CA SER A 233 7.14 -1.17 -18.82
C SER A 233 7.28 -0.44 -17.48
N ASP A 234 7.99 0.66 -17.54
CA ASP A 234 8.47 1.47 -16.39
C ASP A 234 7.86 2.86 -16.53
N GLY A 235 7.68 3.53 -15.40
CA GLY A 235 7.33 4.95 -15.40
C GLY A 235 6.53 5.33 -14.18
N SER A 236 5.73 6.39 -14.33
N SER A 236 5.78 6.43 -14.29
CA SER A 236 5.01 7.07 -13.23
CA SER A 236 4.98 7.01 -13.18
C SER A 236 3.88 7.92 -13.79
C SER A 236 3.90 7.93 -13.75
N GLY A 237 2.76 7.97 -13.08
CA GLY A 237 1.65 8.90 -13.33
C GLY A 237 1.33 9.54 -11.99
N ALA A 238 1.15 10.85 -11.96
CA ALA A 238 0.69 11.58 -10.77
C ALA A 238 -0.38 12.57 -11.22
N LEU A 239 -1.41 12.74 -10.41
CA LEU A 239 -2.48 13.72 -10.64
C LEU A 239 -2.61 14.52 -9.34
N VAL A 240 -2.85 15.82 -9.46
CA VAL A 240 -3.37 16.61 -8.32
C VAL A 240 -4.90 16.55 -8.35
N LEU A 241 -5.45 15.93 -7.31
CA LEU A 241 -6.90 15.87 -7.03
C LEU A 241 -7.18 16.98 -6.04
N GLU A 242 -8.34 17.64 -6.19
CA GLU A 242 -8.64 18.89 -5.45
C GLU A 242 -10.14 18.99 -5.24
N GLU A 243 -10.57 19.30 -4.01
CA GLU A 243 -11.98 19.64 -3.74
C GLU A 243 -12.41 20.76 -4.68
N LEU A 244 -13.63 20.67 -5.22
CA LEU A 244 -14.09 21.52 -6.34
C LEU A 244 -14.09 23.01 -5.94
N GLU A 245 -14.62 23.33 -4.75
CA GLU A 245 -14.77 24.75 -4.30
C GLU A 245 -13.36 25.30 -4.06
N HIS A 246 -12.47 24.49 -3.47
CA HIS A 246 -11.03 24.83 -3.29
C HIS A 246 -10.43 25.18 -4.67
N ALA A 247 -10.72 24.41 -5.71
CA ALA A 247 -10.17 24.64 -7.06
C ALA A 247 -10.73 25.95 -7.60
N ARG A 248 -12.05 26.14 -7.50
CA ARG A 248 -12.76 27.33 -8.00
C ARG A 248 -12.23 28.57 -7.27
N ALA A 249 -12.06 28.45 -5.96
CA ALA A 249 -11.69 29.54 -5.04
C ALA A 249 -10.35 30.13 -5.47
N ARG A 250 -9.42 29.33 -6.00
CA ARG A 250 -8.07 29.81 -6.38
C ARG A 250 -7.96 30.01 -7.90
N GLY A 251 -9.04 29.86 -8.68
CA GLY A 251 -9.00 30.05 -10.14
C GLY A 251 -8.24 28.95 -10.86
N ALA A 252 -8.27 27.70 -10.37
CA ALA A 252 -7.46 26.60 -10.94
C ALA A 252 -8.06 26.26 -12.30
N ARG A 253 -7.23 25.89 -13.27
CA ARG A 253 -7.64 25.19 -14.50
C ARG A 253 -8.04 23.76 -14.11
N ILE A 254 -9.26 23.37 -14.45
CA ILE A 254 -9.82 22.03 -14.12
C ILE A 254 -9.84 21.19 -15.39
N TYR A 255 -9.12 20.09 -15.41
CA TYR A 255 -9.06 19.21 -16.60
C TYR A 255 -10.38 18.43 -16.76
N ALA A 256 -10.88 17.87 -15.65
CA ALA A 256 -12.09 17.04 -15.61
C ALA A 256 -12.47 16.78 -14.15
N GLU A 257 -13.65 16.24 -13.94
CA GLU A 257 -14.15 15.83 -12.63
C GLU A 257 -14.02 14.31 -12.50
N LEU A 258 -13.56 13.86 -11.33
N LEU A 258 -13.58 13.87 -11.32
CA LEU A 258 -13.57 12.43 -10.94
CA LEU A 258 -13.57 12.44 -10.90
C LEU A 258 -14.89 12.16 -10.21
C LEU A 258 -14.90 12.15 -10.19
N VAL A 259 -15.83 11.45 -10.86
CA VAL A 259 -17.24 11.29 -10.38
C VAL A 259 -17.49 9.90 -9.80
N GLY A 260 -16.65 8.92 -10.14
CA GLY A 260 -16.90 7.51 -9.80
C GLY A 260 -15.63 6.75 -9.49
N PHE A 261 -15.67 5.97 -8.42
CA PHE A 261 -14.63 5.00 -8.07
C PHE A 261 -15.29 3.70 -7.61
N GLY A 262 -14.77 2.61 -8.15
CA GLY A 262 -15.26 1.25 -7.90
C GLY A 262 -14.08 0.36 -7.55
N MET A 263 -14.31 -0.52 -6.60
CA MET A 263 -13.42 -1.65 -6.24
C MET A 263 -14.29 -2.89 -6.14
N SER A 264 -13.68 -4.05 -6.34
CA SER A 264 -14.27 -5.37 -6.03
C SER A 264 -13.11 -6.36 -6.01
N GLY A 265 -13.31 -7.52 -5.38
CA GLY A 265 -12.41 -8.67 -5.57
C GLY A 265 -13.08 -9.74 -6.41
N ASP A 266 -12.30 -10.43 -7.25
CA ASP A 266 -12.74 -11.61 -8.02
C ASP A 266 -13.01 -12.76 -7.05
N ALA A 267 -12.20 -12.89 -5.98
CA ALA A 267 -12.18 -14.07 -5.08
C ALA A 267 -12.14 -15.34 -5.94
N PHE A 268 -11.30 -15.35 -6.98
CA PHE A 268 -11.24 -16.41 -8.01
C PHE A 268 -9.89 -17.12 -7.97
N HIS A 269 -8.80 -16.41 -8.31
CA HIS A 269 -7.45 -17.00 -8.55
C HIS A 269 -6.34 -15.97 -8.20
N MET A 270 -5.17 -16.44 -7.78
CA MET A 270 -4.06 -15.58 -7.33
C MET A 270 -3.62 -14.68 -8.49
N THR A 271 -3.70 -15.17 -9.72
CA THR A 271 -3.09 -14.50 -10.90
C THR A 271 -4.03 -14.47 -12.10
N ALA A 272 -4.92 -15.45 -12.26
CA ALA A 272 -5.78 -15.59 -13.46
C ALA A 272 -7.09 -14.85 -13.22
N PRO A 273 -7.53 -13.99 -14.17
CA PRO A 273 -8.85 -13.36 -14.09
C PRO A 273 -9.87 -14.40 -14.52
N PRO A 274 -11.12 -14.41 -14.00
CA PRO A 274 -12.13 -15.33 -14.50
C PRO A 274 -12.54 -14.96 -15.94
N GLU A 275 -12.76 -15.95 -16.81
CA GLU A 275 -13.09 -15.81 -18.26
C GLU A 275 -14.30 -14.89 -18.50
N ASP A 276 -15.30 -14.92 -17.62
CA ASP A 276 -16.59 -14.18 -17.73
C ASP A 276 -16.47 -12.72 -17.26
N GLY A 277 -15.35 -12.31 -16.68
CA GLY A 277 -15.13 -10.92 -16.23
C GLY A 277 -16.04 -10.51 -15.08
N ALA A 278 -16.51 -11.46 -14.26
CA ALA A 278 -17.54 -11.24 -13.21
C ALA A 278 -17.09 -10.19 -12.17
N GLY A 279 -15.79 -10.13 -11.85
CA GLY A 279 -15.24 -9.19 -10.85
C GLY A 279 -15.05 -7.81 -11.45
N ALA A 280 -14.55 -7.75 -12.69
CA ALA A 280 -14.46 -6.49 -13.47
C ALA A 280 -15.86 -5.87 -13.61
N ALA A 281 -16.88 -6.70 -13.83
CA ALA A 281 -18.26 -6.22 -14.08
C ALA A 281 -18.81 -5.64 -12.78
N ARG A 282 -18.68 -6.36 -11.68
CA ARG A 282 -19.06 -5.87 -10.33
C ARG A 282 -18.38 -4.52 -10.09
N CYS A 283 -17.07 -4.43 -10.31
CA CYS A 283 -16.26 -3.20 -10.11
C CYS A 283 -16.84 -2.03 -10.93
N MET A 284 -17.02 -2.18 -12.23
CA MET A 284 -17.54 -1.10 -13.12
C MET A 284 -18.94 -0.67 -12.68
N LYS A 285 -19.79 -1.64 -12.35
CA LYS A 285 -21.16 -1.36 -11.86
C LYS A 285 -21.08 -0.55 -10.56
N ASN A 286 -20.18 -0.89 -9.62
CA ASN A 286 -20.00 -0.11 -8.38
C ASN A 286 -19.62 1.33 -8.74
N ALA A 287 -18.66 1.49 -9.67
CA ALA A 287 -18.16 2.82 -10.12
C ALA A 287 -19.31 3.63 -10.75
N LEU A 288 -20.13 3.02 -11.59
CA LEU A 288 -21.17 3.77 -12.34
C LEU A 288 -22.25 4.20 -11.35
N ARG A 289 -22.63 3.32 -10.42
CA ARG A 289 -23.61 3.67 -9.37
C ARG A 289 -23.05 4.80 -8.49
N ASP A 290 -21.76 4.73 -8.13
CA ASP A 290 -20.99 5.76 -7.38
C ASP A 290 -21.09 7.10 -8.11
N ALA A 291 -21.03 7.11 -9.45
CA ALA A 291 -21.06 8.34 -10.26
C ALA A 291 -22.50 8.80 -10.52
N GLY A 292 -23.53 8.03 -10.13
CA GLY A 292 -24.94 8.35 -10.39
C GLY A 292 -25.25 8.36 -11.88
N LEU A 293 -24.62 7.48 -12.66
CA LEU A 293 -24.75 7.46 -14.13
C LEU A 293 -25.66 6.31 -14.62
N ASP A 294 -26.28 6.56 -15.75
CA ASP A 294 -26.76 5.55 -16.72
C ASP A 294 -25.53 5.00 -17.45
N PRO A 295 -25.28 3.67 -17.45
CA PRO A 295 -24.17 3.10 -18.20
C PRO A 295 -24.09 3.62 -19.63
N ARG A 296 -25.23 3.92 -20.26
CA ARG A 296 -25.25 4.45 -21.64
C ARG A 296 -24.54 5.80 -21.74
N GLN A 297 -24.21 6.46 -20.63
CA GLN A 297 -23.49 7.77 -20.66
C GLN A 297 -22.01 7.51 -21.01
N VAL A 298 -21.53 6.31 -20.77
CA VAL A 298 -20.08 6.02 -20.95
C VAL A 298 -19.75 6.04 -22.45
N ASP A 299 -18.80 6.92 -22.83
CA ASP A 299 -18.37 7.13 -24.24
C ASP A 299 -17.07 6.40 -24.53
N TYR A 300 -16.14 6.38 -23.57
CA TYR A 300 -14.76 5.84 -23.77
C TYR A 300 -14.33 5.02 -22.55
N ILE A 301 -13.79 3.83 -22.82
CA ILE A 301 -13.13 3.02 -21.76
C ILE A 301 -11.66 2.88 -22.11
N ASN A 302 -10.78 3.32 -21.21
CA ASN A 302 -9.35 2.94 -21.25
C ASN A 302 -9.29 1.59 -20.53
N ALA A 303 -9.22 0.52 -21.31
CA ALA A 303 -9.21 -0.87 -20.79
C ALA A 303 -7.92 -1.10 -20.01
N HIS A 304 -7.92 -2.07 -19.12
CA HIS A 304 -6.65 -2.65 -18.59
C HIS A 304 -5.83 -3.16 -19.79
N GLY A 305 -6.40 -4.09 -20.57
CA GLY A 305 -5.93 -4.45 -21.93
C GLY A 305 -4.45 -4.83 -21.95
N THR A 306 -4.06 -5.84 -21.17
CA THR A 306 -2.64 -6.21 -20.90
C THR A 306 -2.00 -6.99 -22.07
N SER A 307 -2.81 -7.58 -22.97
CA SER A 307 -2.32 -8.45 -24.08
C SER A 307 -2.02 -9.87 -23.55
N THR A 308 -2.68 -10.30 -22.48
CA THR A 308 -2.75 -11.73 -22.09
C THR A 308 -4.02 -12.32 -22.71
N PRO A 309 -3.97 -13.60 -23.12
CA PRO A 309 -5.16 -14.31 -23.60
C PRO A 309 -6.39 -14.18 -22.67
N ALA A 310 -6.25 -14.55 -21.40
CA ALA A 310 -7.38 -14.63 -20.44
C ALA A 310 -7.83 -13.21 -20.03
N GLY A 311 -6.89 -12.32 -19.75
CA GLY A 311 -7.20 -10.94 -19.31
C GLY A 311 -8.04 -10.18 -20.32
N ASP A 312 -7.58 -10.12 -21.58
CA ASP A 312 -8.21 -9.33 -22.67
C ASP A 312 -9.63 -9.81 -22.90
N ILE A 313 -9.84 -11.11 -22.95
CA ILE A 313 -11.17 -11.70 -23.27
C ILE A 313 -12.12 -11.44 -22.10
N ALA A 314 -11.64 -11.58 -20.86
CA ALA A 314 -12.41 -11.36 -19.61
C ALA A 314 -13.01 -9.94 -19.65
N GLU A 315 -12.23 -8.97 -20.13
CA GLU A 315 -12.62 -7.53 -20.23
C GLU A 315 -13.74 -7.36 -21.26
N ILE A 316 -13.63 -7.94 -22.46
CA ILE A 316 -14.77 -7.88 -23.44
C ILE A 316 -16.04 -8.36 -22.74
N ALA A 317 -15.99 -9.54 -22.11
CA ALA A 317 -17.13 -10.19 -21.43
C ALA A 317 -17.73 -9.25 -20.38
N ALA A 318 -16.90 -8.59 -19.57
CA ALA A 318 -17.32 -7.70 -18.46
C ALA A 318 -17.99 -6.45 -19.02
N VAL A 319 -17.41 -5.88 -20.08
CA VAL A 319 -17.97 -4.66 -20.74
C VAL A 319 -19.32 -5.01 -21.35
N LYS A 320 -19.42 -6.12 -22.07
CA LYS A 320 -20.69 -6.58 -22.70
C LYS A 320 -21.76 -6.83 -21.62
N SER A 321 -21.38 -7.39 -20.48
CA SER A 321 -22.32 -7.69 -19.38
C SER A 321 -22.79 -6.37 -18.75
N VAL A 322 -21.90 -5.40 -18.54
CA VAL A 322 -22.25 -4.09 -17.89
C VAL A 322 -23.08 -3.24 -18.87
N PHE A 323 -22.72 -3.17 -20.14
CA PHE A 323 -23.23 -2.12 -21.05
C PHE A 323 -24.25 -2.67 -22.06
N GLY A 324 -24.45 -3.99 -22.11
CA GLY A 324 -25.40 -4.60 -23.06
C GLY A 324 -25.22 -4.01 -24.44
N GLU A 325 -26.29 -3.56 -25.08
CA GLU A 325 -26.24 -3.08 -26.49
C GLU A 325 -25.35 -1.83 -26.58
N HIS A 326 -25.27 -1.02 -25.53
CA HIS A 326 -24.44 0.22 -25.55
C HIS A 326 -22.95 -0.17 -25.65
N ALA A 327 -22.60 -1.41 -25.27
CA ALA A 327 -21.23 -1.95 -25.42
C ALA A 327 -20.76 -1.78 -26.88
N HIS A 328 -21.69 -1.78 -27.84
CA HIS A 328 -21.39 -1.58 -29.28
C HIS A 328 -21.32 -0.10 -29.67
N ALA A 329 -21.61 0.85 -28.77
CA ALA A 329 -21.65 2.30 -29.08
C ALA A 329 -20.41 3.02 -28.54
N LEU A 330 -20.00 2.70 -27.31
CA LEU A 330 -18.82 3.29 -26.66
C LEU A 330 -17.55 2.89 -27.44
N SER A 331 -16.44 3.57 -27.22
CA SER A 331 -15.10 3.17 -27.70
C SER A 331 -14.28 2.64 -26.53
N MET A 332 -13.63 1.51 -26.71
CA MET A 332 -12.70 0.96 -25.71
C MET A 332 -11.34 0.75 -26.38
N SER A 333 -10.27 1.20 -25.74
CA SER A 333 -8.90 1.00 -26.25
C SER A 333 -7.95 0.72 -25.09
N SER A 334 -6.86 0.01 -25.43
CA SER A 334 -5.72 -0.27 -24.52
C SER A 334 -4.51 0.52 -25.02
N THR A 335 -4.13 1.56 -24.26
CA THR A 335 -2.91 2.35 -24.53
C THR A 335 -1.66 1.51 -24.18
N LYS A 336 -1.83 0.39 -23.48
CA LYS A 336 -0.80 -0.66 -23.25
C LYS A 336 -0.30 -1.24 -24.59
N SER A 337 -1.09 -1.14 -25.66
CA SER A 337 -0.67 -1.46 -27.04
C SER A 337 0.59 -0.66 -27.38
N MET A 338 0.79 0.51 -26.76
CA MET A 338 1.88 1.48 -27.08
C MET A 338 2.87 1.61 -25.93
N THR A 339 2.40 1.74 -24.69
CA THR A 339 3.22 2.00 -23.48
C THR A 339 3.71 0.68 -22.87
N GLY A 340 3.02 -0.43 -23.15
CA GLY A 340 3.16 -1.65 -22.35
C GLY A 340 2.51 -1.46 -21.00
N HIS A 341 2.77 -2.40 -20.10
CA HIS A 341 2.12 -2.55 -18.77
C HIS A 341 3.07 -1.99 -17.71
N LEU A 342 2.75 -0.81 -17.21
CA LEU A 342 3.56 -0.13 -16.17
C LEU A 342 3.17 -0.67 -14.79
N LEU A 343 2.43 -1.78 -14.75
CA LEU A 343 2.11 -2.49 -13.49
C LEU A 343 1.44 -1.48 -12.53
N GLY A 344 2.03 -1.22 -11.35
CA GLY A 344 1.46 -0.31 -10.32
C GLY A 344 1.24 1.10 -10.86
N ALA A 345 1.99 1.53 -11.90
CA ALA A 345 1.82 2.87 -12.52
C ALA A 345 0.81 2.83 -13.67
N ALA A 346 0.36 1.66 -14.12
CA ALA A 346 -0.55 1.50 -15.28
C ALA A 346 -1.82 2.35 -15.07
N GLY A 347 -2.43 2.25 -13.88
CA GLY A 347 -3.66 2.96 -13.51
C GLY A 347 -3.44 4.46 -13.45
N ALA A 348 -2.23 4.88 -13.07
CA ALA A 348 -1.86 6.31 -12.96
C ALA A 348 -1.74 6.92 -14.38
N VAL A 349 -0.89 6.38 -15.28
CA VAL A 349 -0.77 6.98 -16.64
C VAL A 349 -2.09 6.87 -17.39
N GLU A 350 -2.84 5.79 -17.20
CA GLU A 350 -4.07 5.54 -17.98
C GLU A 350 -5.19 6.46 -17.49
N ALA A 351 -5.22 6.81 -16.19
CA ALA A 351 -6.17 7.83 -15.70
C ALA A 351 -5.86 9.14 -16.44
N ILE A 352 -4.57 9.43 -16.68
CA ILE A 352 -4.16 10.70 -17.33
C ILE A 352 -4.61 10.65 -18.80
N PHE A 353 -4.47 9.51 -19.45
CA PHE A 353 -4.85 9.34 -20.87
C PHE A 353 -6.37 9.46 -20.97
N SER A 354 -7.10 9.02 -19.95
CA SER A 354 -8.58 9.07 -19.87
C SER A 354 -9.03 10.54 -19.73
N VAL A 355 -8.32 11.31 -18.91
CA VAL A 355 -8.61 12.76 -18.76
C VAL A 355 -8.31 13.48 -20.08
N LEU A 356 -7.19 13.16 -20.73
CA LEU A 356 -6.78 13.84 -21.98
C LEU A 356 -7.74 13.42 -23.10
N ALA A 357 -8.30 12.21 -23.07
CA ALA A 357 -9.35 11.77 -24.02
C ALA A 357 -10.55 12.74 -23.89
N LEU A 358 -10.88 13.12 -22.66
CA LEU A 358 -11.96 14.08 -22.37
C LEU A 358 -11.56 15.49 -22.89
N ARG A 359 -10.35 15.96 -22.63
CA ARG A 359 -9.94 17.34 -22.99
C ARG A 359 -9.97 17.49 -24.52
N ASP A 360 -9.43 16.52 -25.24
CA ASP A 360 -9.16 16.60 -26.70
C ASP A 360 -10.27 15.91 -27.50
N GLN A 361 -11.19 15.20 -26.85
CA GLN A 361 -12.34 14.54 -27.53
C GLN A 361 -11.80 13.55 -28.56
N VAL A 362 -10.91 12.66 -28.11
CA VAL A 362 -10.36 11.61 -29.00
C VAL A 362 -10.14 10.35 -28.17
N ALA A 363 -10.50 9.21 -28.77
CA ALA A 363 -10.22 7.85 -28.26
C ALA A 363 -8.84 7.45 -28.78
N PRO A 364 -7.87 7.22 -27.88
CA PRO A 364 -6.56 6.69 -28.27
C PRO A 364 -6.70 5.37 -29.01
N PRO A 365 -5.80 5.02 -29.96
CA PRO A 365 -5.86 3.72 -30.62
C PRO A 365 -5.42 2.54 -29.73
N THR A 366 -5.92 1.36 -30.05
CA THR A 366 -5.24 0.07 -29.74
C THR A 366 -4.38 -0.27 -30.96
N ILE A 367 -3.06 -0.03 -30.91
CA ILE A 367 -2.17 -0.38 -32.06
C ILE A 367 -2.00 -1.91 -32.09
N ASN A 368 -1.65 -2.45 -33.25
CA ASN A 368 -1.30 -3.88 -33.46
C ASN A 368 -2.51 -4.80 -33.44
N LEU A 369 -3.73 -4.27 -33.41
CA LEU A 369 -4.98 -5.07 -33.42
C LEU A 369 -5.29 -5.46 -34.86
N ASP A 370 -4.47 -6.36 -35.41
CA ASP A 370 -4.51 -6.77 -36.84
C ASP A 370 -5.68 -7.74 -37.05
N ASN A 371 -5.83 -8.71 -36.16
CA ASN A 371 -6.87 -9.77 -36.26
C ASN A 371 -7.54 -9.91 -34.89
N PRO A 372 -8.60 -9.12 -34.64
CA PRO A 372 -9.32 -9.18 -33.37
C PRO A 372 -9.70 -10.64 -33.08
N ASP A 373 -9.54 -11.08 -31.84
CA ASP A 373 -9.77 -12.49 -31.47
C ASP A 373 -11.27 -12.76 -31.47
N GLU A 374 -11.62 -14.05 -31.38
CA GLU A 374 -13.02 -14.55 -31.23
C GLU A 374 -13.73 -13.71 -30.16
N GLY A 375 -14.83 -13.07 -30.53
CA GLY A 375 -15.73 -12.33 -29.63
C GLY A 375 -15.23 -10.93 -29.30
N CYS A 376 -14.07 -10.50 -29.83
CA CYS A 376 -13.49 -9.14 -29.60
C CYS A 376 -14.01 -8.21 -30.70
N ASP A 377 -15.34 -7.98 -30.73
CA ASP A 377 -16.09 -7.38 -31.87
C ASP A 377 -16.67 -6.01 -31.48
N LEU A 378 -16.19 -5.41 -30.38
CA LEU A 378 -16.55 -4.04 -29.95
C LEU A 378 -15.73 -3.02 -30.77
N ASP A 379 -16.03 -1.73 -30.64
CA ASP A 379 -15.14 -0.66 -31.16
C ASP A 379 -13.91 -0.58 -30.25
N LEU A 380 -12.82 -1.21 -30.68
CA LEU A 380 -11.55 -1.27 -29.91
C LEU A 380 -10.54 -0.24 -30.47
N VAL A 381 -11.00 0.64 -31.35
CA VAL A 381 -10.21 1.77 -31.92
C VAL A 381 -8.93 1.20 -32.53
N ALA A 382 -9.06 0.13 -33.31
CA ALA A 382 -7.91 -0.54 -33.97
C ALA A 382 -7.08 0.52 -34.72
N HIS A 383 -5.75 0.46 -34.56
CA HIS A 383 -4.73 1.13 -35.44
C HIS A 383 -4.67 2.65 -35.21
N GLU A 384 -5.78 3.39 -35.33
CA GLU A 384 -5.73 4.88 -35.41
C GLU A 384 -6.62 5.54 -34.36
N ALA A 385 -6.15 6.65 -33.78
CA ALA A 385 -6.92 7.50 -32.85
C ALA A 385 -8.27 7.84 -33.52
N LYS A 386 -9.35 7.89 -32.74
CA LYS A 386 -10.71 8.17 -33.27
C LYS A 386 -11.26 9.42 -32.58
N PRO A 387 -11.32 10.58 -33.27
CA PRO A 387 -11.98 11.75 -32.71
C PRO A 387 -13.47 11.41 -32.51
N ARG A 388 -14.04 11.77 -31.36
CA ARG A 388 -15.47 11.48 -31.08
C ARG A 388 -15.89 12.21 -29.81
N LYS A 389 -17.20 12.26 -29.61
CA LYS A 389 -17.82 12.85 -28.41
C LYS A 389 -17.47 11.95 -27.22
N ILE A 390 -16.86 12.54 -26.20
CA ILE A 390 -16.58 11.85 -24.92
C ILE A 390 -16.98 12.78 -23.78
N ASP A 391 -18.13 12.50 -23.17
CA ASP A 391 -18.55 13.19 -21.93
C ASP A 391 -18.04 12.41 -20.71
N VAL A 392 -18.07 11.09 -20.79
CA VAL A 392 -17.73 10.21 -19.64
C VAL A 392 -16.71 9.17 -20.12
N ALA A 393 -15.61 9.07 -19.37
CA ALA A 393 -14.50 8.13 -19.65
C ALA A 393 -14.30 7.27 -18.41
N LEU A 394 -14.09 5.98 -18.63
N LEU A 394 -14.19 5.96 -18.63
CA LEU A 394 -13.84 4.97 -17.59
CA LEU A 394 -13.81 4.95 -17.61
C LEU A 394 -12.42 4.41 -17.79
C LEU A 394 -12.35 4.55 -17.82
N SER A 395 -11.65 4.25 -16.72
CA SER A 395 -10.31 3.63 -16.74
C SER A 395 -10.37 2.40 -15.82
N ASN A 396 -10.07 1.23 -16.36
CA ASN A 396 -10.12 -0.07 -15.64
C ASN A 396 -8.70 -0.57 -15.36
N SER A 397 -8.51 -1.14 -14.17
CA SER A 397 -7.35 -1.97 -13.81
C SER A 397 -7.85 -3.21 -13.07
N PHE A 398 -7.14 -4.32 -13.29
N PHE A 398 -7.23 -4.37 -13.35
CA PHE A 398 -7.31 -5.64 -12.62
CA PHE A 398 -7.34 -5.61 -12.53
C PHE A 398 -5.92 -6.16 -12.26
C PHE A 398 -5.91 -6.03 -12.17
N GLY A 399 -5.78 -6.86 -11.13
CA GLY A 399 -4.45 -7.29 -10.66
C GLY A 399 -4.46 -8.65 -10.01
N PHE A 400 -3.26 -9.18 -9.78
CA PHE A 400 -3.03 -10.36 -8.91
C PHE A 400 -3.79 -10.14 -7.60
N GLY A 401 -4.33 -11.24 -7.07
CA GLY A 401 -5.20 -11.26 -5.89
C GLY A 401 -6.64 -11.02 -6.26
N GLY A 402 -6.92 -10.93 -7.56
CA GLY A 402 -8.25 -10.67 -8.15
C GLY A 402 -8.75 -9.29 -7.75
N THR A 403 -7.86 -8.31 -7.69
N THR A 403 -7.82 -8.34 -7.62
CA THR A 403 -8.18 -6.94 -7.20
CA THR A 403 -8.08 -6.93 -7.28
C THR A 403 -8.51 -6.04 -8.39
C THR A 403 -8.69 -6.26 -8.52
N ASN A 404 -9.67 -5.37 -8.32
CA ASN A 404 -10.28 -4.61 -9.45
C ASN A 404 -10.44 -3.15 -9.01
N GLY A 405 -10.12 -2.20 -9.90
CA GLY A 405 -10.41 -0.76 -9.71
C GLY A 405 -11.00 -0.18 -10.97
N THR A 406 -11.99 0.71 -10.82
CA THR A 406 -12.54 1.49 -11.95
C THR A 406 -12.59 2.97 -11.55
N LEU A 407 -12.09 3.86 -12.40
CA LEU A 407 -12.28 5.32 -12.22
C LEU A 407 -13.25 5.84 -13.29
N VAL A 408 -14.14 6.75 -12.89
CA VAL A 408 -15.09 7.43 -13.82
C VAL A 408 -14.81 8.94 -13.80
N PHE A 409 -14.43 9.46 -14.96
CA PHE A 409 -14.15 10.87 -15.20
C PHE A 409 -15.24 11.40 -16.14
N ARG A 410 -15.58 12.67 -16.00
CA ARG A 410 -16.42 13.36 -17.00
C ARG A 410 -15.94 14.80 -17.15
N ARG A 411 -16.32 15.40 -18.27
CA ARG A 411 -16.09 16.83 -18.56
C ARG A 411 -16.67 17.67 -17.42
N PHE A 412 -15.95 18.71 -17.05
CA PHE A 412 -16.43 19.76 -16.11
C PHE A 412 -16.65 21.06 -16.89
N ALA A 413 -17.77 21.74 -16.62
CA ALA A 413 -18.24 22.99 -17.29
C ALA A 413 -18.06 24.19 -16.35
N SER B 2 -23.42 12.10 7.49
CA SER B 2 -23.36 11.23 8.69
C SER B 2 -22.40 10.05 8.47
N ARG B 3 -22.32 9.14 9.44
CA ARG B 3 -21.23 8.13 9.55
C ARG B 3 -21.65 6.95 10.44
N ARG B 4 -21.44 5.71 9.98
CA ARG B 4 -21.82 4.52 10.76
C ARG B 4 -20.74 4.21 11.79
N ARG B 5 -21.11 3.53 12.86
CA ARG B 5 -20.16 3.20 13.93
C ARG B 5 -19.53 1.85 13.59
N VAL B 6 -18.30 1.65 14.06
CA VAL B 6 -17.41 0.50 13.68
C VAL B 6 -16.90 -0.17 14.97
N VAL B 7 -17.11 -1.47 15.06
CA VAL B 7 -16.70 -2.27 16.24
C VAL B 7 -15.75 -3.37 15.79
N ILE B 8 -15.00 -3.89 16.77
CA ILE B 8 -14.04 -5.03 16.68
C ILE B 8 -14.73 -6.30 17.20
N THR B 9 -14.94 -7.29 16.33
CA THR B 9 -15.66 -8.54 16.68
C THR B 9 -14.75 -9.76 16.58
N GLY B 10 -13.51 -9.60 16.15
CA GLY B 10 -12.55 -10.71 15.99
C GLY B 10 -11.13 -10.19 15.90
N MET B 11 -10.21 -10.91 16.53
CA MET B 11 -8.77 -10.55 16.53
C MET B 11 -7.96 -11.83 16.33
N GLY B 12 -6.85 -11.70 15.60
CA GLY B 12 -5.87 -12.77 15.35
C GLY B 12 -4.45 -12.23 15.37
N MET B 13 -3.48 -13.08 15.70
CA MET B 13 -2.08 -12.60 15.88
C MET B 13 -1.09 -13.76 15.82
N LEU B 14 0.07 -13.49 15.20
CA LEU B 14 1.35 -14.16 15.48
C LEU B 14 2.31 -13.09 16.02
N SER B 15 2.99 -13.39 17.11
CA SER B 15 3.97 -12.45 17.69
C SER B 15 5.13 -13.24 18.25
N PRO B 16 6.24 -12.56 18.60
CA PRO B 16 7.32 -13.20 19.34
C PRO B 16 6.92 -13.73 20.72
N LEU B 17 5.72 -13.39 21.22
CA LEU B 17 5.22 -13.87 22.53
C LEU B 17 4.30 -15.09 22.37
N GLY B 18 3.82 -15.38 21.17
CA GLY B 18 2.83 -16.47 21.04
C GLY B 18 2.23 -16.57 19.67
N LEU B 19 1.48 -17.66 19.45
CA LEU B 19 0.96 -18.07 18.12
C LEU B 19 -0.53 -17.66 18.00
N ASP B 20 -1.05 -16.91 18.97
CA ASP B 20 -2.44 -16.39 18.95
C ASP B 20 -2.53 -15.20 19.91
N VAL B 21 -3.72 -14.61 20.01
CA VAL B 21 -3.94 -13.41 20.86
C VAL B 21 -3.77 -13.78 22.34
N PRO B 22 -4.52 -14.74 22.92
CA PRO B 22 -4.47 -14.94 24.36
C PRO B 22 -3.06 -15.27 24.85
N SER B 23 -2.28 -16.09 24.13
CA SER B 23 -0.89 -16.43 24.52
C SER B 23 0.00 -15.16 24.47
N SER B 24 -0.10 -14.34 23.43
CA SER B 24 0.69 -13.08 23.31
C SER B 24 0.36 -12.17 24.50
N TRP B 25 -0.94 -11.92 24.73
CA TRP B 25 -1.46 -11.02 25.78
C TRP B 25 -1.01 -11.49 27.17
N GLU B 26 -1.01 -12.80 27.39
CA GLU B 26 -0.52 -13.39 28.66
C GLU B 26 0.95 -12.98 28.85
N GLY B 27 1.77 -13.06 27.80
CA GLY B 27 3.18 -12.65 27.88
C GLY B 27 3.30 -11.14 28.10
N ILE B 28 2.42 -10.35 27.50
CA ILE B 28 2.42 -8.87 27.64
C ILE B 28 2.19 -8.50 29.11
N LEU B 29 1.17 -9.09 29.72
CA LEU B 29 0.77 -8.76 31.11
C LEU B 29 1.80 -9.32 32.10
N ALA B 30 2.59 -10.32 31.70
CA ALA B 30 3.67 -10.92 32.54
C ALA B 30 5.00 -10.21 32.32
N GLY B 31 5.10 -9.27 31.38
CA GLY B 31 6.37 -8.56 31.11
C GLY B 31 7.41 -9.45 30.49
N ARG B 32 7.00 -10.52 29.82
CA ARG B 32 7.92 -11.48 29.19
C ARG B 32 8.45 -10.87 27.88
N SER B 33 9.72 -11.08 27.58
CA SER B 33 10.38 -10.70 26.29
C SER B 33 10.25 -11.86 25.29
N GLY B 34 9.94 -11.54 24.03
CA GLY B 34 9.99 -12.50 22.91
C GLY B 34 11.31 -12.42 22.16
N ILE B 35 12.28 -11.63 22.67
CA ILE B 35 13.56 -11.34 21.96
C ILE B 35 14.61 -12.38 22.35
N ALA B 36 15.33 -12.90 21.36
CA ALA B 36 16.35 -13.96 21.49
C ALA B 36 17.26 -13.93 20.26
N PRO B 37 18.49 -14.52 20.30
CA PRO B 37 19.30 -14.64 19.10
C PRO B 37 18.52 -15.38 18.02
N ILE B 38 18.72 -14.96 16.77
CA ILE B 38 18.01 -15.53 15.60
C ILE B 38 18.74 -16.80 15.19
N GLU B 39 18.00 -17.88 14.94
CA GLU B 39 18.59 -19.21 14.68
C GLU B 39 18.48 -19.55 13.20
N HIS B 40 19.16 -20.64 12.82
CA HIS B 40 19.17 -21.24 11.47
C HIS B 40 19.42 -20.11 10.47
N MET B 41 20.42 -19.30 10.78
CA MET B 41 20.79 -18.10 9.99
C MET B 41 22.22 -17.68 10.38
N ASP B 42 23.10 -17.50 9.40
CA ASP B 42 24.51 -17.11 9.67
C ASP B 42 24.57 -15.59 9.81
N LEU B 43 24.61 -15.09 11.06
CA LEU B 43 24.66 -13.64 11.39
C LEU B 43 26.05 -13.23 11.89
N SER B 44 27.11 -13.98 11.55
CA SER B 44 28.50 -13.74 12.05
C SER B 44 29.01 -12.33 11.70
N ALA B 45 28.83 -11.92 10.45
CA ALA B 45 29.35 -10.63 9.93
C ALA B 45 28.39 -9.47 10.27
N TYR B 46 27.35 -9.72 11.09
CA TYR B 46 26.26 -8.77 11.42
C TYR B 46 26.49 -8.17 12.80
N SER B 47 26.19 -6.88 12.98
CA SER B 47 26.37 -6.16 14.28
C SER B 47 25.17 -6.40 15.21
N THR B 48 24.02 -6.81 14.65
CA THR B 48 22.84 -7.28 15.42
C THR B 48 22.59 -8.75 15.07
N ARG B 49 22.41 -9.61 16.08
CA ARG B 49 22.30 -11.09 15.91
C ARG B 49 21.02 -11.62 16.58
N PHE B 50 20.11 -10.73 16.99
CA PHE B 50 18.91 -11.08 17.78
C PHE B 50 17.68 -10.33 17.24
N GLY B 51 16.49 -10.76 17.67
CA GLY B 51 15.20 -10.15 17.31
C GLY B 51 14.03 -10.93 17.89
N GLY B 52 12.81 -10.51 17.57
CA GLY B 52 11.56 -11.23 17.87
C GLY B 52 11.15 -12.13 16.71
N SER B 53 11.44 -13.42 16.81
CA SER B 53 11.04 -14.44 15.79
C SER B 53 9.68 -14.99 16.22
N VAL B 54 8.88 -15.47 15.27
CA VAL B 54 7.68 -16.29 15.60
C VAL B 54 8.19 -17.72 15.88
N LYS B 55 7.88 -18.30 17.02
CA LYS B 55 8.43 -19.62 17.43
C LYS B 55 7.37 -20.71 17.21
N GLY B 56 7.69 -21.71 16.39
CA GLY B 56 6.88 -22.94 16.25
C GLY B 56 5.63 -22.74 15.42
N PHE B 57 5.63 -21.76 14.51
CA PHE B 57 4.50 -21.50 13.58
C PHE B 57 4.31 -22.72 12.69
N ASN B 58 3.08 -23.23 12.66
CA ASN B 58 2.72 -24.35 11.78
C ASN B 58 1.74 -23.85 10.72
N VAL B 59 2.26 -23.51 9.52
CA VAL B 59 1.46 -23.00 8.38
C VAL B 59 0.40 -24.02 7.95
N GLU B 60 0.65 -25.33 8.13
CA GLU B 60 -0.29 -26.39 7.68
C GLU B 60 -1.55 -26.47 8.58
N GLU B 61 -1.64 -25.71 9.69
CA GLU B 61 -2.93 -25.49 10.38
C GLU B 61 -3.85 -24.63 9.51
N TYR B 62 -3.30 -23.90 8.54
CA TYR B 62 -4.01 -22.89 7.72
C TYR B 62 -4.05 -23.31 6.25
N LEU B 63 -2.92 -23.77 5.71
CA LEU B 63 -2.76 -24.10 4.27
C LEU B 63 -2.21 -25.51 4.09
N SER B 64 -2.48 -26.08 2.92
CA SER B 64 -1.76 -27.25 2.37
C SER B 64 -0.29 -26.89 2.22
N ALA B 65 0.61 -27.86 2.41
CA ALA B 65 2.06 -27.68 2.20
C ALA B 65 2.28 -27.02 0.83
N LYS B 66 1.53 -27.41 -0.19
CA LYS B 66 1.74 -26.96 -1.59
C LYS B 66 1.43 -25.46 -1.71
N GLU B 67 0.30 -24.99 -1.17
N GLU B 67 0.24 -25.05 -1.20
CA GLU B 67 -0.09 -23.56 -1.26
CA GLU B 67 -0.23 -23.65 -1.08
C GLU B 67 0.86 -22.72 -0.40
C GLU B 67 0.88 -22.81 -0.42
N ALA B 68 1.31 -23.24 0.76
CA ALA B 68 2.29 -22.53 1.62
C ALA B 68 3.64 -22.36 0.94
N ARG B 69 4.07 -23.33 0.11
CA ARG B 69 5.36 -23.26 -0.63
C ARG B 69 5.34 -22.07 -1.57
N LYS B 70 4.16 -21.61 -1.98
CA LYS B 70 4.02 -20.51 -2.98
C LYS B 70 4.20 -19.14 -2.33
N LEU B 71 4.16 -19.05 -0.99
CA LEU B 71 3.91 -17.77 -0.28
C LEU B 71 5.08 -17.46 0.65
N ASP B 72 5.63 -16.25 0.54
CA ASP B 72 6.60 -15.69 1.51
C ASP B 72 6.04 -15.81 2.93
N LEU B 73 6.96 -15.94 3.89
CA LEU B 73 6.60 -16.02 5.33
C LEU B 73 5.69 -14.86 5.74
N PHE B 74 5.93 -13.60 5.30
CA PHE B 74 5.09 -12.43 5.71
C PHE B 74 3.63 -12.71 5.33
N ILE B 75 3.40 -13.30 4.14
CA ILE B 75 2.04 -13.62 3.63
C ILE B 75 1.45 -14.76 4.48
N GLN B 76 2.23 -15.80 4.73
CA GLN B 76 1.80 -16.90 5.63
C GLN B 76 1.34 -16.29 6.97
N TYR B 77 2.13 -15.40 7.57
CA TYR B 77 1.81 -14.82 8.89
C TYR B 77 0.52 -13.98 8.79
N GLY B 78 0.36 -13.24 7.69
CA GLY B 78 -0.81 -12.41 7.41
C GLY B 78 -2.06 -13.26 7.37
N LEU B 79 -1.99 -14.38 6.65
CA LEU B 79 -3.12 -15.32 6.49
C LEU B 79 -3.44 -15.94 7.84
N ALA B 80 -2.44 -16.34 8.61
CA ALA B 80 -2.67 -16.98 9.92
C ALA B 80 -3.49 -16.03 10.81
N ALA B 81 -3.04 -14.79 10.98
CA ALA B 81 -3.73 -13.77 11.81
C ALA B 81 -5.15 -13.55 11.27
N SER B 82 -5.32 -13.47 9.95
CA SER B 82 -6.62 -13.15 9.30
C SER B 82 -7.60 -14.29 9.51
N PHE B 83 -7.14 -15.54 9.30
CA PHE B 83 -7.97 -16.74 9.50
C PHE B 83 -8.39 -16.80 10.97
N GLN B 84 -7.46 -16.49 11.89
CA GLN B 84 -7.74 -16.47 13.36
C GLN B 84 -8.83 -15.43 13.64
N ALA B 85 -8.71 -14.24 13.06
CA ALA B 85 -9.59 -13.08 13.34
C ALA B 85 -11.00 -13.42 12.86
N VAL B 86 -11.12 -14.00 11.67
CA VAL B 86 -12.43 -14.34 11.09
C VAL B 86 -13.11 -15.41 11.96
N ARG B 87 -12.40 -16.48 12.30
CA ARG B 87 -12.89 -17.55 13.19
C ARG B 87 -13.31 -16.93 14.53
N ASP B 88 -12.47 -16.08 15.12
CA ASP B 88 -12.73 -15.41 16.42
C ASP B 88 -14.05 -14.62 16.32
N SER B 89 -14.39 -14.07 15.15
CA SER B 89 -15.57 -13.19 14.94
C SER B 89 -16.88 -13.99 14.89
N GLY B 90 -16.82 -15.27 14.50
CA GLY B 90 -18.01 -16.10 14.24
C GLY B 90 -18.74 -15.69 12.97
N LEU B 91 -18.18 -14.80 12.15
CA LEU B 91 -18.87 -14.29 10.95
C LEU B 91 -19.11 -15.43 9.94
N GLU B 92 -20.32 -15.53 9.42
CA GLU B 92 -20.66 -16.48 8.33
C GLU B 92 -20.74 -15.70 7.01
N VAL B 93 -19.84 -15.98 6.09
CA VAL B 93 -19.86 -15.41 4.71
C VAL B 93 -20.92 -16.15 3.89
N THR B 94 -21.79 -15.40 3.21
CA THR B 94 -22.89 -15.92 2.36
C THR B 94 -22.90 -15.19 1.01
N ASP B 95 -23.68 -15.71 0.06
CA ASP B 95 -23.92 -15.02 -1.23
C ASP B 95 -24.57 -13.67 -0.96
N ALA B 96 -25.31 -13.51 0.14
CA ALA B 96 -26.08 -12.31 0.48
C ALA B 96 -25.18 -11.24 1.10
N ASN B 97 -23.94 -11.55 1.54
CA ASN B 97 -23.10 -10.54 2.23
C ASN B 97 -21.67 -10.53 1.70
N ARG B 98 -21.26 -11.44 0.82
CA ARG B 98 -19.83 -11.57 0.43
C ARG B 98 -19.38 -10.28 -0.29
N GLU B 99 -20.27 -9.56 -0.97
CA GLU B 99 -19.90 -8.30 -1.67
C GLU B 99 -19.65 -7.18 -0.63
N ARG B 100 -20.05 -7.36 0.63
CA ARG B 100 -19.93 -6.32 1.69
C ARG B 100 -18.76 -6.65 2.63
N ILE B 101 -17.94 -7.63 2.29
CA ILE B 101 -16.84 -8.08 3.20
C ILE B 101 -15.55 -7.95 2.42
N GLY B 102 -14.65 -7.10 2.89
CA GLY B 102 -13.38 -6.77 2.19
C GLY B 102 -12.22 -7.08 3.09
N VAL B 103 -11.00 -6.82 2.59
N VAL B 103 -11.01 -6.77 2.62
CA VAL B 103 -9.72 -7.08 3.30
CA VAL B 103 -9.75 -7.05 3.37
C VAL B 103 -8.72 -5.97 2.98
C VAL B 103 -8.68 -6.03 2.99
N SER B 104 -8.00 -5.49 4.01
CA SER B 104 -6.88 -4.55 3.86
C SER B 104 -5.81 -5.00 4.83
N MET B 105 -4.99 -5.94 4.40
CA MET B 105 -3.85 -6.43 5.18
C MET B 105 -2.59 -5.95 4.46
N GLY B 106 -1.72 -5.31 5.20
CA GLY B 106 -0.53 -4.68 4.61
C GLY B 106 0.77 -5.26 5.11
N SER B 107 1.84 -4.73 4.55
CA SER B 107 3.23 -4.98 5.02
C SER B 107 4.09 -3.73 4.77
N GLY B 108 5.07 -3.52 5.64
CA GLY B 108 6.08 -2.44 5.51
C GLY B 108 7.13 -2.75 4.44
N ILE B 109 7.66 -3.97 4.43
CA ILE B 109 8.83 -4.31 3.55
C ILE B 109 8.55 -5.51 2.64
N GLY B 110 7.55 -6.33 2.97
CA GLY B 110 7.11 -7.42 2.06
C GLY B 110 8.11 -8.56 2.04
N GLY B 111 8.37 -9.11 0.85
CA GLY B 111 8.88 -10.48 0.70
C GLY B 111 10.39 -10.57 0.59
N LEU B 112 11.11 -9.98 1.53
CA LEU B 112 12.61 -9.99 1.55
C LEU B 112 13.18 -11.40 1.60
N THR B 113 12.53 -12.33 2.31
CA THR B 113 13.02 -13.72 2.49
C THR B 113 12.96 -14.43 1.14
N ASN B 114 11.83 -14.28 0.41
N ASN B 114 11.87 -14.23 0.39
CA ASN B 114 11.63 -14.80 -0.97
CA ASN B 114 11.67 -14.83 -0.96
C ASN B 114 12.61 -14.12 -1.94
C ASN B 114 12.57 -14.12 -1.98
N ILE B 115 12.75 -12.80 -1.86
CA ILE B 115 13.66 -12.02 -2.75
C ILE B 115 15.10 -12.55 -2.57
N GLU B 116 15.53 -12.70 -1.33
CA GLU B 116 16.84 -13.28 -0.92
C GLU B 116 17.05 -14.64 -1.58
N ASN B 117 16.14 -15.59 -1.37
CA ASN B 117 16.28 -16.99 -1.85
C ASN B 117 16.24 -17.04 -3.38
N ASN B 118 15.44 -16.19 -4.04
CA ASN B 118 15.36 -16.16 -5.52
C ASN B 118 16.59 -15.47 -6.10
N CYS B 119 17.19 -14.53 -5.36
CA CYS B 119 18.48 -13.87 -5.74
C CYS B 119 19.58 -14.91 -5.78
N ARG B 120 19.66 -15.75 -4.74
CA ARG B 120 20.56 -16.93 -4.67
C ARG B 120 20.44 -17.70 -6.00
N SER B 121 19.25 -18.20 -6.34
CA SER B 121 18.98 -18.95 -7.60
C SER B 121 19.50 -18.14 -8.78
N LEU B 122 19.09 -16.87 -8.87
CA LEU B 122 19.39 -15.96 -10.02
C LEU B 122 20.90 -15.86 -10.23
N PHE B 123 21.63 -15.49 -9.18
CA PHE B 123 23.09 -15.17 -9.23
C PHE B 123 23.86 -16.45 -9.55
N GLU B 124 23.54 -17.54 -8.87
CA GLU B 124 24.29 -18.82 -8.93
C GLU B 124 24.06 -19.53 -10.27
N GLN B 125 22.81 -19.56 -10.74
N GLN B 125 22.82 -19.64 -10.76
CA GLN B 125 22.32 -20.47 -11.81
CA GLN B 125 22.56 -20.38 -12.02
C GLN B 125 21.58 -19.71 -12.94
C GLN B 125 21.45 -19.73 -12.85
N GLY B 126 21.38 -18.39 -12.85
CA GLY B 126 20.63 -17.62 -13.87
C GLY B 126 19.11 -17.57 -13.66
N PRO B 127 18.39 -16.83 -14.51
CA PRO B 127 16.97 -16.51 -14.29
C PRO B 127 15.98 -17.67 -14.39
N ARG B 128 16.28 -18.71 -15.18
CA ARG B 128 15.32 -19.81 -15.46
C ARG B 128 15.11 -20.66 -14.20
N ARG B 129 15.88 -20.44 -13.13
CA ARG B 129 15.67 -21.13 -11.83
C ARG B 129 14.84 -20.28 -10.87
N ILE B 130 14.37 -19.07 -11.25
CA ILE B 130 13.45 -18.25 -10.41
C ILE B 130 12.09 -18.96 -10.37
N SER B 131 11.54 -19.16 -9.17
CA SER B 131 10.20 -19.76 -8.95
C SER B 131 9.15 -19.07 -9.82
N PRO B 132 8.24 -19.84 -10.45
CA PRO B 132 7.10 -19.26 -11.18
C PRO B 132 6.15 -18.43 -10.30
N PHE B 133 6.17 -18.68 -9.00
CA PHE B 133 5.30 -18.02 -7.99
C PHE B 133 6.05 -16.87 -7.32
N PHE B 134 7.27 -16.57 -7.79
CA PHE B 134 8.11 -15.49 -7.22
C PHE B 134 7.28 -14.21 -7.02
N VAL B 135 6.66 -13.71 -8.09
CA VAL B 135 5.96 -12.39 -8.06
C VAL B 135 4.72 -12.50 -7.19
N PRO B 136 3.72 -13.37 -7.50
CA PRO B 136 2.48 -13.38 -6.73
C PRO B 136 2.71 -13.83 -5.28
N GLY B 137 3.76 -14.65 -5.04
CA GLY B 137 4.13 -15.19 -3.73
C GLY B 137 4.92 -14.21 -2.86
N SER B 138 5.25 -13.02 -3.37
CA SER B 138 6.14 -12.03 -2.70
C SER B 138 5.47 -10.66 -2.55
N ILE B 139 4.53 -10.29 -3.41
CA ILE B 139 3.93 -8.92 -3.44
C ILE B 139 2.94 -8.76 -2.28
N ILE B 140 2.90 -7.57 -1.71
CA ILE B 140 2.27 -7.25 -0.38
C ILE B 140 0.74 -7.46 -0.41
N ASN B 141 0.09 -7.33 -1.56
CA ASN B 141 -1.39 -7.41 -1.63
C ASN B 141 -1.85 -8.88 -1.60
N MET B 142 -0.96 -9.86 -1.44
CA MET B 142 -1.37 -11.28 -1.59
C MET B 142 -1.95 -11.81 -0.29
N VAL B 143 -1.77 -11.15 0.84
CA VAL B 143 -2.52 -11.56 2.06
C VAL B 143 -4.00 -11.27 1.78
N SER B 144 -4.33 -10.05 1.33
CA SER B 144 -5.71 -9.64 0.93
C SER B 144 -6.19 -10.53 -0.22
N GLY B 145 -5.34 -10.74 -1.23
CA GLY B 145 -5.69 -11.57 -2.40
C GLY B 145 -6.01 -12.99 -1.97
N PHE B 146 -5.10 -13.67 -1.28
CA PHE B 146 -5.28 -15.10 -0.91
C PHE B 146 -6.47 -15.20 0.06
N LEU B 147 -6.60 -14.26 0.99
CA LEU B 147 -7.68 -14.34 2.00
C LEU B 147 -9.03 -14.23 1.29
N SER B 148 -9.18 -13.25 0.39
N SER B 148 -9.17 -13.25 0.40
CA SER B 148 -10.40 -13.02 -0.41
CA SER B 148 -10.37 -13.00 -0.43
C SER B 148 -10.75 -14.29 -1.20
C SER B 148 -10.74 -14.28 -1.20
N ILE B 149 -9.75 -14.90 -1.88
CA ILE B 149 -9.97 -16.13 -2.67
C ILE B 149 -10.39 -17.26 -1.71
N HIS B 150 -9.74 -17.40 -0.56
CA HIS B 150 -10.02 -18.55 0.34
C HIS B 150 -11.44 -18.45 0.89
N LEU B 151 -11.91 -17.27 1.28
CA LEU B 151 -13.19 -17.09 2.02
C LEU B 151 -14.30 -16.57 1.08
N GLY B 152 -14.00 -16.29 -0.18
CA GLY B 152 -14.99 -15.75 -1.15
C GLY B 152 -15.40 -14.32 -0.82
N LEU B 153 -14.47 -13.48 -0.35
CA LEU B 153 -14.72 -12.05 -0.02
C LEU B 153 -14.63 -11.22 -1.29
N GLN B 154 -15.70 -10.50 -1.64
CA GLN B 154 -15.78 -9.70 -2.90
C GLN B 154 -15.85 -8.22 -2.57
N GLY B 155 -15.79 -7.83 -1.29
CA GLY B 155 -15.76 -6.42 -0.85
C GLY B 155 -14.42 -5.76 -1.19
N PRO B 156 -14.18 -4.51 -0.74
CA PRO B 156 -12.95 -3.80 -1.11
C PRO B 156 -11.73 -4.66 -0.75
N ASN B 157 -10.79 -4.75 -1.69
N ASN B 157 -10.80 -4.76 -1.69
CA ASN B 157 -9.61 -5.65 -1.64
CA ASN B 157 -9.61 -5.66 -1.62
C ASN B 157 -8.36 -4.83 -1.96
C ASN B 157 -8.36 -4.85 -1.95
N TYR B 158 -7.59 -4.49 -0.92
CA TYR B 158 -6.40 -3.62 -1.08
C TYR B 158 -5.39 -3.91 0.02
N ALA B 159 -4.24 -3.26 -0.09
CA ALA B 159 -3.14 -3.37 0.89
C ALA B 159 -2.45 -2.01 0.99
N LEU B 160 -2.21 -1.57 2.23
CA LEU B 160 -1.33 -0.41 2.52
C LEU B 160 0.10 -0.90 2.69
N THR B 161 1.03 0.03 2.53
CA THR B 161 2.46 -0.14 2.82
C THR B 161 2.95 1.27 3.18
N THR B 162 2.90 1.57 4.47
CA THR B 162 3.34 2.87 5.05
C THR B 162 4.37 2.53 6.11
N ALA B 163 5.36 1.75 5.72
CA ALA B 163 6.47 1.33 6.59
C ALA B 163 5.94 0.90 7.96
N GLN B 164 6.50 1.47 9.03
CA GLN B 164 6.18 1.13 10.44
C GLN B 164 4.79 1.63 10.84
N THR B 165 4.02 2.24 9.92
CA THR B 165 2.67 2.82 10.20
C THR B 165 1.59 1.92 9.55
N THR B 166 2.01 0.92 8.78
CA THR B 166 1.14 0.12 7.89
C THR B 166 -0.08 -0.40 8.66
N GLY B 167 0.15 -1.13 9.75
CA GLY B 167 -0.94 -1.77 10.48
C GLY B 167 -1.98 -0.78 10.98
N THR B 168 -1.54 0.37 11.49
CA THR B 168 -2.42 1.43 12.05
C THR B 168 -3.24 2.02 10.90
N HIS B 169 -2.60 2.37 9.79
CA HIS B 169 -3.27 2.94 8.60
C HIS B 169 -4.25 1.92 8.01
N SER B 170 -3.88 0.64 7.95
CA SER B 170 -4.72 -0.43 7.36
C SER B 170 -6.03 -0.50 8.15
N ILE B 171 -5.93 -0.54 9.48
CA ILE B 171 -7.12 -0.66 10.37
C ILE B 171 -7.99 0.61 10.24
N GLY B 172 -7.36 1.78 10.30
CA GLY B 172 -8.04 3.07 10.22
C GLY B 172 -8.84 3.22 8.93
N MET B 173 -8.19 2.98 7.78
N MET B 173 -8.20 2.97 7.79
CA MET B 173 -8.81 3.15 6.44
CA MET B 173 -8.82 3.15 6.45
C MET B 173 -9.87 2.07 6.21
C MET B 173 -9.87 2.07 6.20
N ALA B 174 -9.69 0.87 6.79
CA ALA B 174 -10.73 -0.20 6.77
C ALA B 174 -11.97 0.30 7.55
N ALA B 175 -11.75 0.91 8.70
CA ALA B 175 -12.82 1.51 9.54
C ALA B 175 -13.59 2.53 8.70
N ARG B 176 -12.90 3.38 7.95
CA ARG B 176 -13.52 4.40 7.06
C ARG B 176 -14.39 3.72 6.01
N ASN B 177 -13.89 2.64 5.40
CA ASN B 177 -14.67 1.87 4.41
C ASN B 177 -16.06 1.57 4.99
N ILE B 178 -16.10 1.11 6.25
CA ILE B 178 -17.34 0.62 6.90
C ILE B 178 -18.21 1.83 7.26
N ALA B 179 -17.60 2.85 7.87
CA ALA B 179 -18.26 4.09 8.31
C ALA B 179 -19.02 4.74 7.15
N TYR B 180 -18.41 4.79 5.96
CA TYR B 180 -18.95 5.53 4.78
C TYR B 180 -19.72 4.57 3.87
N GLY B 181 -19.94 3.34 4.32
CA GLY B 181 -20.91 2.43 3.68
C GLY B 181 -20.35 1.74 2.45
N GLU B 182 -19.03 1.68 2.27
CA GLU B 182 -18.36 0.95 1.14
C GLU B 182 -18.25 -0.54 1.48
N ALA B 183 -18.42 -0.93 2.75
CA ALA B 183 -18.38 -2.31 3.27
C ALA B 183 -19.12 -2.39 4.60
N ASP B 184 -19.54 -3.59 5.03
CA ASP B 184 -20.09 -3.85 6.40
C ASP B 184 -19.04 -4.54 7.28
N VAL B 185 -18.13 -5.29 6.66
CA VAL B 185 -17.03 -6.02 7.36
C VAL B 185 -15.71 -5.79 6.61
N MET B 186 -14.64 -5.63 7.36
CA MET B 186 -13.26 -5.61 6.81
C MET B 186 -12.37 -6.43 7.73
N VAL B 187 -11.46 -7.22 7.16
CA VAL B 187 -10.30 -7.79 7.90
C VAL B 187 -9.11 -6.86 7.63
N ALA B 188 -8.48 -6.33 8.68
CA ALA B 188 -7.44 -5.30 8.52
C ALA B 188 -6.32 -5.49 9.56
N GLY B 189 -5.13 -5.01 9.21
CA GLY B 189 -3.92 -5.21 10.01
C GLY B 189 -2.73 -5.34 9.10
N GLY B 190 -1.70 -6.03 9.55
CA GLY B 190 -0.49 -6.18 8.74
C GLY B 190 0.34 -7.33 9.19
N SER B 191 1.37 -7.62 8.42
CA SER B 191 2.28 -8.75 8.68
C SER B 191 3.66 -8.38 8.17
N GLU B 192 4.65 -9.02 8.74
CA GLU B 192 6.04 -8.67 8.46
C GLU B 192 6.94 -9.84 8.85
N MET B 193 7.96 -10.08 8.02
N MET B 193 7.97 -10.06 8.03
CA MET B 193 9.07 -11.02 8.29
CA MET B 193 9.07 -11.04 8.24
C MET B 193 10.31 -10.47 7.59
C MET B 193 10.33 -10.48 7.58
N ALA B 194 11.03 -9.58 8.27
CA ALA B 194 12.23 -8.90 7.75
C ALA B 194 13.43 -9.25 8.63
N ALA B 195 13.36 -10.35 9.39
CA ALA B 195 14.52 -10.97 10.06
C ALA B 195 15.29 -11.86 9.10
N CYS B 196 15.34 -11.50 7.82
CA CYS B 196 16.29 -12.01 6.81
C CYS B 196 17.60 -11.26 6.98
N GLY B 197 18.62 -11.69 6.25
CA GLY B 197 19.88 -10.95 6.19
C GLY B 197 19.63 -9.55 5.68
N LEU B 198 18.69 -9.41 4.75
CA LEU B 198 18.45 -8.11 4.08
C LEU B 198 17.86 -7.12 5.10
N GLY B 199 16.96 -7.60 5.97
CA GLY B 199 16.32 -6.74 6.98
C GLY B 199 17.32 -6.37 8.06
N LEU B 200 17.98 -7.36 8.66
CA LEU B 200 19.03 -7.13 9.69
C LEU B 200 20.19 -6.35 9.07
N GLY B 201 20.58 -6.64 7.83
CA GLY B 201 21.68 -5.94 7.14
C GLY B 201 21.30 -4.51 6.77
N GLY B 202 20.08 -4.34 6.24
CA GLY B 202 19.57 -3.04 5.77
C GLY B 202 19.47 -2.03 6.90
N PHE B 203 18.78 -2.42 7.97
CA PHE B 203 18.60 -1.57 9.18
C PHE B 203 19.94 -1.44 9.91
N GLY B 204 20.70 -2.54 9.95
CA GLY B 204 22.06 -2.59 10.52
C GLY B 204 22.98 -1.59 9.85
N ALA B 205 22.93 -1.48 8.51
CA ALA B 205 23.74 -0.53 7.72
C ALA B 205 23.44 0.90 8.14
N ALA B 206 22.19 1.22 8.54
CA ALA B 206 21.75 2.58 8.96
C ALA B 206 22.02 2.78 10.45
N ARG B 207 22.58 1.76 11.11
CA ARG B 207 22.85 1.68 12.56
C ARG B 207 21.60 2.11 13.32
N ALA B 208 20.43 1.68 12.84
CA ALA B 208 19.09 1.91 13.45
C ALA B 208 18.83 0.92 14.58
N LEU B 209 19.53 -0.22 14.60
CA LEU B 209 19.23 -1.38 15.48
C LEU B 209 20.02 -1.30 16.79
N SER B 210 19.41 -1.69 17.90
CA SER B 210 20.12 -2.09 19.13
C SER B 210 21.13 -3.19 18.75
N THR B 211 22.39 -3.00 19.16
CA THR B 211 23.49 -3.99 19.02
C THR B 211 23.79 -4.62 20.40
N ARG B 212 22.83 -4.63 21.34
CA ARG B 212 23.02 -5.27 22.67
C ARG B 212 22.92 -6.81 22.56
N ASN B 213 23.85 -7.42 21.81
CA ASN B 213 23.90 -8.87 21.52
C ASN B 213 24.05 -9.68 22.80
N ASP B 214 24.73 -9.13 23.82
CA ASP B 214 24.99 -9.86 25.10
C ASP B 214 23.68 -10.10 25.84
N GLU B 215 22.69 -9.21 25.73
CA GLU B 215 21.45 -9.29 26.54
C GLU B 215 20.24 -8.90 25.67
N PRO B 216 19.84 -9.79 24.74
CA PRO B 216 18.82 -9.44 23.75
C PRO B 216 17.47 -9.06 24.38
N THR B 217 17.14 -9.65 25.53
CA THR B 217 15.85 -9.38 26.23
C THR B 217 15.85 -7.97 26.84
N ARG B 218 17.02 -7.39 27.09
CA ARG B 218 17.16 -6.02 27.65
C ARG B 218 17.35 -4.99 26.53
N ALA B 219 17.42 -5.42 25.26
CA ALA B 219 17.76 -4.52 24.14
C ALA B 219 16.70 -3.42 23.99
N SER B 220 15.42 -3.82 23.88
CA SER B 220 14.27 -2.91 23.67
C SER B 220 13.89 -2.27 25.02
N ARG B 221 14.18 -0.98 25.18
CA ARG B 221 14.11 -0.28 26.48
C ARG B 221 13.65 1.13 26.22
N PRO B 222 12.39 1.29 25.72
CA PRO B 222 11.90 2.60 25.30
C PRO B 222 11.92 3.58 26.49
N TRP B 223 12.41 4.79 26.21
CA TRP B 223 12.55 5.95 27.14
C TRP B 223 13.62 5.73 28.21
N ASP B 224 14.35 4.59 28.18
CA ASP B 224 15.48 4.30 29.11
C ASP B 224 16.72 5.00 28.56
N ARG B 225 17.54 5.60 29.42
CA ARG B 225 18.66 6.46 28.97
C ARG B 225 19.70 5.62 28.21
N ASP B 226 19.74 4.31 28.43
CA ASP B 226 20.75 3.37 27.87
C ASP B 226 20.25 2.68 26.59
N ARG B 227 19.14 3.12 25.97
CA ARG B 227 18.61 2.53 24.71
C ARG B 227 19.55 2.86 23.56
N ASP B 228 19.59 2.02 22.53
CA ASP B 228 20.54 2.19 21.40
C ASP B 228 19.88 1.73 20.09
N GLY B 229 18.55 1.88 19.97
CA GLY B 229 17.83 1.61 18.71
C GLY B 229 16.82 0.48 18.87
N PHE B 230 16.06 0.21 17.81
CA PHE B 230 14.89 -0.72 17.85
C PHE B 230 15.38 -2.15 17.66
N VAL B 231 14.49 -3.08 18.02
CA VAL B 231 14.72 -4.54 17.86
C VAL B 231 13.76 -5.00 16.75
N LEU B 232 14.29 -5.68 15.75
CA LEU B 232 13.51 -6.19 14.60
C LEU B 232 12.75 -7.46 14.99
N SER B 233 11.44 -7.47 14.72
CA SER B 233 10.50 -8.55 15.12
C SER B 233 9.59 -8.89 13.96
N ASP B 234 9.07 -10.13 13.99
CA ASP B 234 8.22 -10.73 12.93
C ASP B 234 6.84 -11.02 13.52
N GLY B 235 5.85 -11.11 12.66
CA GLY B 235 4.49 -11.54 13.07
C GLY B 235 3.42 -10.82 12.28
N SER B 236 2.22 -10.77 12.85
CA SER B 236 0.97 -10.34 12.18
C SER B 236 -0.09 -10.04 13.23
N GLY B 237 -0.93 -9.07 12.89
CA GLY B 237 -2.19 -8.80 13.58
C GLY B 237 -3.27 -8.56 12.54
N ALA B 238 -4.46 -9.04 12.84
CA ALA B 238 -5.65 -8.87 12.00
C ALA B 238 -6.79 -8.64 12.96
N LEU B 239 -7.66 -7.70 12.59
CA LEU B 239 -8.92 -7.43 13.32
C LEU B 239 -10.04 -7.62 12.33
N VAL B 240 -11.16 -8.12 12.82
CA VAL B 240 -12.42 -8.04 12.04
C VAL B 240 -13.11 -6.76 12.50
N LEU B 241 -13.21 -5.79 11.58
CA LEU B 241 -13.96 -4.54 11.81
C LEU B 241 -15.35 -4.79 11.24
N GLU B 242 -16.36 -4.24 11.89
CA GLU B 242 -17.77 -4.58 11.59
C GLU B 242 -18.63 -3.36 11.96
N GLU B 243 -19.55 -3.00 11.06
CA GLU B 243 -20.61 -2.00 11.35
C GLU B 243 -21.42 -2.47 12.57
N LEU B 244 -21.72 -1.56 13.49
CA LEU B 244 -22.34 -1.86 14.81
C LEU B 244 -23.64 -2.61 14.63
N GLU B 245 -24.55 -2.14 13.77
CA GLU B 245 -25.89 -2.77 13.61
C GLU B 245 -25.72 -4.16 12.99
N HIS B 246 -24.80 -4.32 12.03
CA HIS B 246 -24.49 -5.65 11.46
C HIS B 246 -24.02 -6.58 12.57
N ALA B 247 -23.19 -6.08 13.50
CA ALA B 247 -22.63 -6.88 14.62
C ALA B 247 -23.75 -7.29 15.58
N ARG B 248 -24.63 -6.36 15.92
CA ARG B 248 -25.73 -6.56 16.91
C ARG B 248 -26.76 -7.55 16.36
N ALA B 249 -27.10 -7.43 15.06
CA ALA B 249 -28.12 -8.25 14.38
C ALA B 249 -27.73 -9.73 14.42
N ARG B 250 -26.46 -10.10 14.25
CA ARG B 250 -26.02 -11.52 14.29
C ARG B 250 -25.55 -11.92 15.70
N GLY B 251 -25.66 -11.04 16.69
CA GLY B 251 -25.29 -11.33 18.09
C GLY B 251 -23.80 -11.51 18.29
N ALA B 252 -22.96 -10.75 17.59
CA ALA B 252 -21.49 -10.84 17.69
C ALA B 252 -21.03 -10.43 19.09
N ARG B 253 -19.93 -11.02 19.56
CA ARG B 253 -19.19 -10.51 20.74
C ARG B 253 -18.41 -9.30 20.23
N ILE B 254 -18.63 -8.15 20.85
CA ILE B 254 -17.99 -6.85 20.48
C ILE B 254 -16.90 -6.61 21.51
N TYR B 255 -15.63 -6.55 21.10
CA TYR B 255 -14.52 -6.31 22.06
C TYR B 255 -14.53 -4.83 22.49
N ALA B 256 -14.66 -3.94 21.51
CA ALA B 256 -14.49 -2.48 21.69
C ALA B 256 -14.96 -1.78 20.43
N GLU B 257 -15.12 -0.46 20.52
CA GLU B 257 -15.54 0.39 19.37
C GLU B 257 -14.31 1.17 18.88
N LEU B 258 -14.14 1.23 17.56
CA LEU B 258 -13.13 2.09 16.92
C LEU B 258 -13.78 3.45 16.64
N VAL B 259 -13.45 4.47 17.44
CA VAL B 259 -14.15 5.79 17.44
C VAL B 259 -13.37 6.84 16.66
N GLY B 260 -12.03 6.70 16.53
CA GLY B 260 -11.16 7.74 15.96
C GLY B 260 -10.03 7.16 15.10
N PHE B 261 -9.77 7.83 13.96
CA PHE B 261 -8.60 7.56 13.11
C PHE B 261 -7.98 8.89 12.72
N GLY B 262 -6.70 9.05 13.02
CA GLY B 262 -5.90 10.21 12.65
C GLY B 262 -4.74 9.79 11.77
N MET B 263 -4.42 10.66 10.82
CA MET B 263 -3.26 10.60 9.91
C MET B 263 -2.61 11.96 9.88
N SER B 264 -1.30 12.00 9.66
CA SER B 264 -0.54 13.24 9.39
C SER B 264 0.78 12.84 8.75
N GLY B 265 1.44 13.82 8.16
CA GLY B 265 2.84 13.74 7.76
C GLY B 265 3.64 14.79 8.51
N ASP B 266 4.81 14.40 9.03
CA ASP B 266 5.83 15.30 9.60
C ASP B 266 6.33 16.27 8.52
N ALA B 267 6.51 15.80 7.28
CA ALA B 267 7.21 16.54 6.21
C ALA B 267 8.57 17.05 6.78
N PHE B 268 9.27 16.23 7.55
CA PHE B 268 10.53 16.62 8.26
C PHE B 268 11.73 15.86 7.68
N HIS B 269 11.87 14.56 7.98
CA HIS B 269 13.04 13.75 7.56
C HIS B 269 12.58 12.34 7.14
N MET B 270 13.44 11.63 6.39
CA MET B 270 13.14 10.33 5.74
C MET B 270 13.00 9.24 6.80
N THR B 271 13.76 9.30 7.90
CA THR B 271 13.77 8.26 8.95
C THR B 271 13.63 8.81 10.39
N ALA B 272 13.95 10.08 10.64
CA ALA B 272 13.97 10.66 12.01
C ALA B 272 12.71 11.51 12.21
N PRO B 273 12.03 11.41 13.37
CA PRO B 273 10.93 12.32 13.68
C PRO B 273 11.49 13.70 14.05
N PRO B 274 10.69 14.79 14.01
CA PRO B 274 11.12 16.05 14.60
C PRO B 274 11.21 15.94 16.14
N GLU B 275 12.11 16.71 16.76
CA GLU B 275 12.48 16.57 18.20
C GLU B 275 11.24 16.72 19.08
N ASP B 276 10.34 17.63 18.69
CA ASP B 276 9.13 18.05 19.45
C ASP B 276 7.90 17.19 19.07
N GLY B 277 8.05 16.20 18.19
CA GLY B 277 6.94 15.32 17.77
C GLY B 277 5.76 16.11 17.22
N ALA B 278 6.00 17.22 16.52
CA ALA B 278 4.90 18.10 16.04
C ALA B 278 3.94 17.28 15.17
N GLY B 279 4.46 16.33 14.38
CA GLY B 279 3.62 15.56 13.45
C GLY B 279 2.76 14.56 14.20
N ALA B 280 3.33 13.90 15.20
CA ALA B 280 2.61 12.93 16.04
C ALA B 280 1.53 13.66 16.85
N ALA B 281 1.80 14.90 17.27
CA ALA B 281 0.83 15.75 18.00
C ALA B 281 -0.37 16.06 17.09
N ARG B 282 -0.15 16.54 15.86
CA ARG B 282 -1.21 16.84 14.85
C ARG B 282 -2.08 15.61 14.61
N CYS B 283 -1.44 14.46 14.40
CA CYS B 283 -2.07 13.14 14.16
C CYS B 283 -2.92 12.72 15.36
N MET B 284 -2.39 12.80 16.58
CA MET B 284 -3.20 12.48 17.80
C MET B 284 -4.40 13.43 17.90
N LYS B 285 -4.21 14.74 17.68
CA LYS B 285 -5.30 15.77 17.70
C LYS B 285 -6.32 15.44 16.61
N ASN B 286 -5.86 15.06 15.42
CA ASN B 286 -6.78 14.68 14.30
C ASN B 286 -7.62 13.49 14.73
N ALA B 287 -7.02 12.52 15.43
CA ALA B 287 -7.72 11.27 15.83
C ALA B 287 -8.80 11.62 16.87
N LEU B 288 -8.45 12.45 17.85
CA LEU B 288 -9.39 12.85 18.93
C LEU B 288 -10.55 13.64 18.32
N ARG B 289 -10.25 14.61 17.44
CA ARG B 289 -11.29 15.39 16.72
C ARG B 289 -12.19 14.41 15.95
N ASP B 290 -11.60 13.48 15.19
CA ASP B 290 -12.35 12.46 14.44
C ASP B 290 -13.34 11.75 15.37
N ALA B 291 -12.94 11.47 16.61
CA ALA B 291 -13.72 10.69 17.60
C ALA B 291 -14.69 11.60 18.38
N GLY B 292 -14.69 12.90 18.09
CA GLY B 292 -15.34 13.94 18.91
C GLY B 292 -14.98 13.83 20.38
N LEU B 293 -13.72 13.55 20.71
CA LEU B 293 -13.29 13.42 22.13
C LEU B 293 -12.31 14.54 22.51
N ASP B 294 -12.39 14.95 23.77
N ASP B 294 -12.40 14.98 23.77
CA ASP B 294 -11.46 15.91 24.43
CA ASP B 294 -11.44 15.93 24.40
C ASP B 294 -10.22 15.12 24.87
C ASP B 294 -10.22 15.12 24.85
N PRO B 295 -8.98 15.66 24.72
CA PRO B 295 -7.79 14.95 25.20
C PRO B 295 -7.88 14.40 26.64
N ARG B 296 -8.65 15.08 27.50
CA ARG B 296 -8.88 14.70 28.93
C ARG B 296 -9.51 13.30 29.05
N GLN B 297 -10.25 12.84 28.04
CA GLN B 297 -10.99 11.54 28.11
C GLN B 297 -10.07 10.36 27.81
N VAL B 298 -8.82 10.58 27.38
CA VAL B 298 -7.88 9.47 27.05
C VAL B 298 -7.26 8.93 28.34
N ASP B 299 -7.30 7.60 28.53
CA ASP B 299 -6.79 6.92 29.74
C ASP B 299 -5.49 6.16 29.45
N TYR B 300 -5.35 5.61 28.25
CA TYR B 300 -4.26 4.67 27.90
C TYR B 300 -3.76 4.99 26.48
N ILE B 301 -2.45 5.10 26.32
CA ILE B 301 -1.81 5.20 24.98
C ILE B 301 -0.86 4.01 24.83
N ASN B 302 -1.06 3.22 23.78
CA ASN B 302 -0.02 2.29 23.28
C ASN B 302 0.88 3.10 22.36
N ALA B 303 2.05 3.46 22.88
CA ALA B 303 3.05 4.31 22.19
C ALA B 303 3.58 3.54 21.00
N HIS B 304 4.08 4.25 19.98
CA HIS B 304 5.02 3.67 19.00
C HIS B 304 6.23 3.13 19.79
N GLY B 305 6.91 3.95 20.61
CA GLY B 305 7.88 3.51 21.62
C GLY B 305 8.93 2.51 21.12
N THR B 306 9.66 2.87 20.06
CA THR B 306 10.53 1.96 19.28
C THR B 306 11.87 1.70 20.00
N SER B 307 12.24 2.50 21.01
CA SER B 307 13.56 2.42 21.70
C SER B 307 14.66 3.10 20.86
N THR B 308 14.30 3.97 19.89
CA THR B 308 15.27 4.87 19.22
C THR B 308 15.36 6.16 20.05
N PRO B 309 16.57 6.74 20.24
CA PRO B 309 16.69 7.92 21.10
C PRO B 309 15.78 9.07 20.65
N ALA B 310 15.77 9.43 19.36
CA ALA B 310 14.93 10.55 18.84
C ALA B 310 13.44 10.19 18.93
N GLY B 311 13.05 8.99 18.49
CA GLY B 311 11.65 8.55 18.40
C GLY B 311 10.94 8.66 19.75
N ASP B 312 11.55 8.09 20.78
CA ASP B 312 11.01 7.98 22.15
C ASP B 312 10.77 9.39 22.70
N ILE B 313 11.75 10.29 22.57
CA ILE B 313 11.71 11.66 23.16
C ILE B 313 10.60 12.45 22.44
N ALA B 314 10.53 12.42 21.11
CA ALA B 314 9.48 13.07 20.28
C ALA B 314 8.08 12.71 20.76
N GLU B 315 7.86 11.44 21.12
N GLU B 315 7.89 11.43 21.11
CA GLU B 315 6.53 10.94 21.55
CA GLU B 315 6.58 10.88 21.57
C GLU B 315 6.17 11.53 22.93
C GLU B 315 6.19 11.54 22.90
N ILE B 316 7.14 11.68 23.83
CA ILE B 316 6.91 12.38 25.13
C ILE B 316 6.51 13.83 24.81
N ALA B 317 7.30 14.53 24.00
CA ALA B 317 7.00 15.92 23.59
C ALA B 317 5.58 16.01 23.02
N ALA B 318 5.21 15.10 22.13
CA ALA B 318 3.90 15.09 21.43
C ALA B 318 2.76 14.88 22.43
N VAL B 319 2.91 13.92 23.36
CA VAL B 319 1.86 13.65 24.39
C VAL B 319 1.71 14.86 25.34
N LYS B 320 2.81 15.47 25.81
CA LYS B 320 2.73 16.68 26.69
C LYS B 320 1.98 17.81 25.96
N SER B 321 2.37 18.09 24.72
CA SER B 321 1.74 19.10 23.83
C SER B 321 0.23 18.84 23.65
N VAL B 322 -0.17 17.60 23.35
CA VAL B 322 -1.59 17.30 23.05
C VAL B 322 -2.41 17.32 24.36
N PHE B 323 -1.85 16.82 25.46
CA PHE B 323 -2.65 16.42 26.64
C PHE B 323 -2.46 17.40 27.82
N GLY B 324 -1.49 18.32 27.73
CA GLY B 324 -1.26 19.39 28.71
C GLY B 324 -1.36 18.85 30.13
N GLU B 325 -2.31 19.35 30.93
CA GLU B 325 -2.40 19.05 32.38
C GLU B 325 -2.96 17.64 32.63
N HIS B 326 -3.23 16.85 31.58
CA HIS B 326 -3.75 15.46 31.70
C HIS B 326 -2.68 14.45 31.28
N ALA B 327 -1.54 14.92 30.79
CA ALA B 327 -0.44 14.07 30.23
C ALA B 327 0.07 13.08 31.28
N HIS B 328 0.02 13.42 32.58
CA HIS B 328 0.53 12.59 33.71
C HIS B 328 -0.56 11.64 34.22
N ALA B 329 -1.83 11.94 33.93
CA ALA B 329 -2.99 11.19 34.45
C ALA B 329 -3.19 9.94 33.61
N LEU B 330 -3.08 10.04 32.27
CA LEU B 330 -3.09 8.86 31.36
C LEU B 330 -1.86 8.00 31.63
N SER B 331 -1.96 6.72 31.33
CA SER B 331 -0.83 5.76 31.29
C SER B 331 -0.42 5.58 29.82
N MET B 332 0.87 5.62 29.54
CA MET B 332 1.42 5.34 28.20
C MET B 332 2.54 4.30 28.34
N SER B 333 2.47 3.23 27.55
CA SER B 333 3.49 2.16 27.56
C SER B 333 3.83 1.74 26.13
N SER B 334 5.06 1.27 25.95
CA SER B 334 5.51 0.59 24.72
C SER B 334 5.55 -0.92 24.98
N THR B 335 4.63 -1.64 24.34
CA THR B 335 4.67 -3.13 24.29
C THR B 335 5.86 -3.56 23.41
N LYS B 336 6.51 -2.65 22.65
CA LYS B 336 7.74 -3.00 21.90
C LYS B 336 8.89 -3.33 22.87
N SER B 337 8.76 -2.98 24.16
CA SER B 337 9.74 -3.37 25.21
C SER B 337 9.79 -4.90 25.32
N MET B 338 8.68 -5.57 25.00
CA MET B 338 8.53 -7.05 25.07
C MET B 338 8.53 -7.68 23.67
N THR B 339 7.83 -7.11 22.69
CA THR B 339 7.65 -7.74 21.35
C THR B 339 8.79 -7.38 20.39
N GLY B 340 9.43 -6.24 20.64
CA GLY B 340 10.23 -5.56 19.61
C GLY B 340 9.32 -4.95 18.58
N HIS B 341 9.91 -4.54 17.47
CA HIS B 341 9.25 -3.68 16.45
C HIS B 341 8.88 -4.57 15.27
N LEU B 342 7.59 -4.86 15.08
CA LEU B 342 7.10 -5.75 13.96
C LEU B 342 6.91 -4.91 12.69
N LEU B 343 7.43 -3.68 12.68
CA LEU B 343 7.40 -2.77 11.50
C LEU B 343 5.93 -2.61 11.02
N GLY B 344 5.61 -3.04 9.78
CA GLY B 344 4.25 -2.93 9.22
C GLY B 344 3.20 -3.63 10.06
N ALA B 345 3.56 -4.60 10.92
CA ALA B 345 2.63 -5.37 11.78
C ALA B 345 2.53 -4.73 13.16
N ALA B 346 3.45 -3.83 13.53
CA ALA B 346 3.49 -3.23 14.87
C ALA B 346 2.13 -2.63 15.22
N GLY B 347 1.56 -1.84 14.32
CA GLY B 347 0.27 -1.16 14.51
C GLY B 347 -0.89 -2.12 14.69
N ALA B 348 -0.84 -3.27 14.02
CA ALA B 348 -1.91 -4.29 14.05
C ALA B 348 -1.90 -4.97 15.43
N VAL B 349 -0.75 -5.49 15.86
CA VAL B 349 -0.66 -6.22 17.16
C VAL B 349 -0.90 -5.21 18.28
N GLU B 350 -0.47 -3.95 18.13
CA GLU B 350 -0.61 -2.93 19.20
C GLU B 350 -2.06 -2.42 19.29
N ALA B 351 -2.81 -2.33 18.18
CA ALA B 351 -4.28 -2.11 18.20
C ALA B 351 -4.94 -3.23 19.04
N ILE B 352 -4.53 -4.49 18.82
CA ILE B 352 -5.09 -5.64 19.58
C ILE B 352 -4.78 -5.48 21.08
N PHE B 353 -3.55 -5.10 21.44
CA PHE B 353 -3.14 -4.91 22.85
C PHE B 353 -3.94 -3.76 23.44
N SER B 354 -4.30 -2.78 22.60
CA SER B 354 -5.06 -1.58 23.03
C SER B 354 -6.51 -1.97 23.32
N VAL B 355 -7.09 -2.80 22.45
CA VAL B 355 -8.46 -3.35 22.67
C VAL B 355 -8.47 -4.21 23.92
N LEU B 356 -7.43 -5.02 24.14
CA LEU B 356 -7.39 -5.93 25.30
C LEU B 356 -7.16 -5.14 26.58
N ALA B 357 -6.42 -4.02 26.54
CA ALA B 357 -6.26 -3.11 27.69
C ALA B 357 -7.65 -2.62 28.11
N LEU B 358 -8.56 -2.41 27.15
CA LEU B 358 -9.93 -1.95 27.41
C LEU B 358 -10.71 -3.09 28.05
N ARG B 359 -10.63 -4.29 27.47
CA ARG B 359 -11.42 -5.46 27.94
C ARG B 359 -10.99 -5.76 29.38
N ASP B 360 -9.71 -5.66 29.69
CA ASP B 360 -9.13 -6.21 30.95
C ASP B 360 -8.84 -5.08 31.93
N GLN B 361 -9.01 -3.82 31.54
CA GLN B 361 -8.78 -2.64 32.43
C GLN B 361 -7.38 -2.74 33.04
N VAL B 362 -6.38 -2.89 32.19
CA VAL B 362 -4.97 -3.03 32.62
C VAL B 362 -4.09 -2.33 31.59
N ALA B 363 -3.12 -1.53 32.04
CA ALA B 363 -2.07 -0.94 31.19
C ALA B 363 -0.89 -1.91 31.15
N PRO B 364 -0.57 -2.47 29.96
CA PRO B 364 0.63 -3.26 29.77
C PRO B 364 1.89 -2.49 30.14
N PRO B 365 2.92 -3.20 30.65
CA PRO B 365 4.14 -2.55 31.11
C PRO B 365 5.00 -2.04 29.96
N THR B 366 5.86 -1.06 30.25
CA THR B 366 7.12 -0.83 29.50
C THR B 366 8.21 -1.51 30.32
N ILE B 367 8.62 -2.73 29.95
CA ILE B 367 9.75 -3.44 30.64
C ILE B 367 11.07 -2.71 30.28
N ASN B 368 12.11 -2.92 31.10
CA ASN B 368 13.50 -2.44 30.86
C ASN B 368 13.63 -0.91 31.10
N LEU B 369 12.58 -0.23 31.57
CA LEU B 369 12.60 1.22 31.89
C LEU B 369 13.21 1.36 33.29
N ASP B 370 14.52 1.11 33.38
CA ASP B 370 15.31 1.09 34.64
C ASP B 370 15.66 2.51 35.05
N ASN B 371 15.95 3.38 34.07
CA ASN B 371 16.40 4.78 34.27
C ASN B 371 15.81 5.67 33.20
N PRO B 372 14.55 6.12 33.39
CA PRO B 372 13.93 7.07 32.46
C PRO B 372 14.95 8.13 32.09
N ASP B 373 14.93 8.55 30.84
CA ASP B 373 15.82 9.60 30.28
C ASP B 373 15.30 10.98 30.70
N GLU B 374 16.07 12.03 30.39
CA GLU B 374 15.73 13.46 30.59
C GLU B 374 14.33 13.75 30.00
N GLY B 375 13.37 14.10 30.86
CA GLY B 375 12.04 14.56 30.42
C GLY B 375 11.05 13.42 30.24
N CYS B 376 11.46 12.19 30.53
CA CYS B 376 10.59 10.98 30.40
C CYS B 376 9.95 10.73 31.77
N ASP B 377 9.22 11.72 32.29
CA ASP B 377 8.64 11.73 33.66
C ASP B 377 7.13 11.43 33.65
N LEU B 378 6.57 10.97 32.52
CA LEU B 378 5.14 10.55 32.42
C LEU B 378 4.96 9.19 33.13
N ASP B 379 3.71 8.75 33.26
CA ASP B 379 3.38 7.38 33.75
C ASP B 379 3.61 6.42 32.57
N LEU B 380 4.80 5.81 32.50
CA LEU B 380 5.22 4.98 31.35
C LEU B 380 5.07 3.50 31.73
N VAL B 381 4.38 3.24 32.85
CA VAL B 381 4.05 1.88 33.35
C VAL B 381 5.34 1.04 33.41
N ALA B 382 6.40 1.60 34.00
CA ALA B 382 7.71 0.91 34.11
C ALA B 382 7.52 -0.45 34.77
N HIS B 383 8.08 -1.52 34.17
CA HIS B 383 8.43 -2.84 34.76
C HIS B 383 7.23 -3.78 34.77
N GLU B 384 6.10 -3.39 35.36
CA GLU B 384 4.96 -4.28 35.66
C GLU B 384 3.66 -3.67 35.12
N ALA B 385 2.70 -4.53 34.73
CA ALA B 385 1.33 -4.16 34.33
C ALA B 385 0.67 -3.33 35.44
N LYS B 386 -0.24 -2.44 35.08
CA LYS B 386 -0.96 -1.56 36.01
C LYS B 386 -2.46 -1.67 35.75
N PRO B 387 -3.24 -2.33 36.64
CA PRO B 387 -4.69 -2.27 36.56
C PRO B 387 -5.18 -0.83 36.76
N ARG B 388 -6.20 -0.41 36.02
CA ARG B 388 -6.71 0.98 36.09
C ARG B 388 -7.94 1.10 35.21
N LYS B 389 -8.68 2.19 35.39
CA LYS B 389 -9.82 2.58 34.55
C LYS B 389 -9.30 2.96 33.17
N ILE B 390 -9.80 2.31 32.13
CA ILE B 390 -9.50 2.71 30.72
C ILE B 390 -10.82 2.72 29.99
N ASP B 391 -11.37 3.90 29.72
CA ASP B 391 -12.55 4.04 28.81
C ASP B 391 -12.06 4.22 27.37
N VAL B 392 -10.96 4.97 27.18
CA VAL B 392 -10.44 5.39 25.85
C VAL B 392 -8.95 5.06 25.79
N ALA B 393 -8.54 4.34 24.74
CA ALA B 393 -7.16 3.90 24.45
C ALA B 393 -6.74 4.42 23.07
N LEU B 394 -5.56 5.02 22.97
CA LEU B 394 -4.94 5.43 21.69
C LEU B 394 -3.83 4.44 21.34
N SER B 395 -3.64 4.17 20.05
CA SER B 395 -2.48 3.43 19.53
C SER B 395 -1.82 4.29 18.46
N ASN B 396 -0.55 4.60 18.65
CA ASN B 396 0.20 5.49 17.73
C ASN B 396 1.20 4.65 16.95
N SER B 397 1.39 5.04 15.69
CA SER B 397 2.45 4.55 14.79
C SER B 397 3.03 5.74 14.03
N PHE B 398 4.35 5.89 14.07
CA PHE B 398 5.11 7.03 13.50
C PHE B 398 6.29 6.42 12.74
N GLY B 399 6.26 6.39 11.40
CA GLY B 399 7.19 5.62 10.55
C GLY B 399 7.99 6.45 9.57
N PHE B 400 8.87 5.78 8.83
CA PHE B 400 9.77 6.37 7.81
C PHE B 400 8.91 7.18 6.83
N GLY B 401 9.48 8.26 6.31
CA GLY B 401 8.78 9.27 5.49
C GLY B 401 7.96 10.21 6.34
N GLY B 402 8.05 10.09 7.67
CA GLY B 402 7.34 10.92 8.67
C GLY B 402 5.83 10.72 8.57
N THR B 403 5.38 9.50 8.29
CA THR B 403 3.96 9.14 8.13
C THR B 403 3.46 8.66 9.49
N ASN B 404 2.37 9.25 9.95
CA ASN B 404 1.83 9.06 11.32
C ASN B 404 0.42 8.50 11.23
N GLY B 405 0.08 7.59 12.13
CA GLY B 405 -1.27 7.08 12.31
C GLY B 405 -1.61 6.99 13.79
N THR B 406 -2.85 7.33 14.13
CA THR B 406 -3.42 7.14 15.49
C THR B 406 -4.82 6.54 15.37
N LEU B 407 -5.08 5.49 16.16
CA LEU B 407 -6.40 4.88 16.32
C LEU B 407 -6.91 5.20 17.73
N VAL B 408 -8.20 5.52 17.86
CA VAL B 408 -8.88 5.74 19.16
C VAL B 408 -9.92 4.62 19.34
N PHE B 409 -9.74 3.80 20.37
CA PHE B 409 -10.70 2.74 20.77
C PHE B 409 -11.36 3.21 22.07
N ARG B 410 -12.62 2.83 22.24
CA ARG B 410 -13.44 3.16 23.44
C ARG B 410 -14.15 1.87 23.87
N ARG B 411 -14.36 1.67 25.17
CA ARG B 411 -15.20 0.55 25.69
C ARG B 411 -16.57 0.60 25.03
N PHE B 412 -17.11 -0.56 24.62
CA PHE B 412 -18.50 -0.68 24.12
C PHE B 412 -19.38 -1.37 25.18
N ALA B 413 -20.59 -0.87 25.42
CA ALA B 413 -21.61 -1.51 26.29
C ALA B 413 -23.02 -1.04 25.88
N1 UQM C . 30.74 0.14 3.61
C4 UQM C . 27.24 1.41 0.88
C5 UQM C . 27.84 1.64 2.11
C6 UQM C . 28.42 0.47 2.86
C7 UQM C . 29.91 0.45 2.60
C8 UQM C . 27.88 2.95 2.61
N UQM C . 26.07 4.76 -0.15
C UQM C . 25.28 6.81 -1.13
O UQM C . 27.00 6.80 0.59
C1 UQM C . 26.21 6.15 -0.13
C2 UQM C . 26.73 3.78 0.64
C3 UQM C . 26.69 2.46 0.14
C9 UQM C . 27.34 4.04 1.88
O1 UQM C . 30.38 0.72 1.52
S DMS D . -15.08 10.89 -5.39
O DMS D . -15.19 10.19 -4.07
C1 DMS D . -15.61 9.73 -6.63
C2 DMS D . -16.48 11.97 -5.49
S DMS E . -28.08 -1.32 -22.09
O DMS E . -27.69 -0.65 -23.39
C1 DMS E . -27.27 -0.42 -20.75
C2 DMS E . -29.76 -0.82 -21.76
S DMS F . 24.65 -1.39 -3.45
O DMS F . 25.28 -1.94 -2.20
C1 DMS F . 25.76 -1.74 -4.80
C2 DMS F . 24.89 0.37 -3.36
S DMS G . -7.67 -22.07 8.13
O DMS G . -8.86 -21.50 8.87
C1 DMS G . -7.84 -23.84 8.26
C2 DMS G . -8.11 -21.91 6.40
S DMS H . -23.18 -19.34 0.87
O DMS H . -24.46 -18.56 1.08
C1 DMS H . -23.09 -20.54 2.19
C2 DMS H . -23.46 -20.42 -0.51
S DMS I . -14.49 5.32 11.82
O DMS I . -14.55 6.35 10.72
C1 DMS I . -13.05 5.70 12.76
C2 DMS I . -15.68 5.82 13.03
S DMS J . 8.23 -18.97 -4.26
O DMS J . 9.27 -17.94 -4.55
C1 DMS J . 9.12 -20.42 -3.74
C2 DMS J . 7.53 -18.55 -2.68
S DMS K . -8.97 -18.59 17.33
O DMS K . -9.36 -17.91 16.07
C1 DMS K . -7.41 -17.89 17.81
C2 DMS K . -8.37 -20.19 16.90
S DMS L . 8.80 -20.51 1.04
O DMS L . 8.02 -19.42 0.36
C1 DMS L . 8.42 -20.41 2.76
C2 DMS L . 10.49 -19.94 1.13
S DMS M . -16.71 -18.55 7.26
O DMS M . -17.97 -18.30 6.48
C1 DMS M . -15.91 -19.94 6.47
C2 DMS M . -17.21 -19.39 8.75
P PO4 N . -25.92 -10.00 6.20
O1 PO4 N . -26.38 -11.05 5.16
O2 PO4 N . -27.01 -9.80 7.26
O3 PO4 N . -24.63 -10.44 6.89
O4 PO4 N . -25.71 -8.65 5.48
#